data_8X8Y
#
_entry.id   8X8Y
#
_cell.length_a   52.748
_cell.length_b   135.419
_cell.length_c   150.337
_cell.angle_alpha   90.00
_cell.angle_beta   90.00
_cell.angle_gamma   90.00
#
_symmetry.space_group_name_H-M   'P 21 21 21'
#
loop_
_entity.id
_entity.type
_entity.pdbx_description
1 polymer 'Rho-associated protein kinase 2'
2 non-polymer 3-fluoranyl-~{N}-methyl-5-[[1-oxidanylidene-6-[5-(trifluoromethyl)-1~{H}-pyrazol-4-yl]isoquinolin-2-yl]methyl]benzamide
3 water water
#
_entity_poly.entity_id   1
_entity_poly.type   'polypeptide(L)'
_entity_poly.pdbx_seq_one_letter_code
;QRKLEALIRDPRSPINVESLLDGLNSLVLDLDFPALRKNKNIDNFLNRYEKIVKKIRGLQMKAEDYDVVKVIGRGAFGEV
QLVRHKASQKVYAMKLLSKFEMIKRSDSAFFWEERDIMAFANSPWVVQLFYAFQDDRYLYMVMEYMPGGDLVNLMSNYDV
PEKWAKFYTAEVVLALDAIHSMGLIHRDVKPDNMLLDKHGHLKLADFGTCMKMDETGMVHCDTAVGTPDYISPEVLKSQG
GDGFYGRECDWWSVGVFLYEMLVGDTPFYADSLVGTYSKIMDHKNSLCFPEDAEISKHAKNLICAFLTDREVRLGRNGVE
EIRQHPFFKNDQWHWDNIRETAAPVVPELSSDIDSSNFDDIEDDKGDVETFPIPKAFVGNQLPFIGFTYYR
;
_entity_poly.pdbx_strand_id   A,B
#
loop_
_chem_comp.id
_chem_comp.type
_chem_comp.name
_chem_comp.formula
YEA non-polymer 3-fluoranyl-~{N}-methyl-5-[[1-oxidanylidene-6-[5-(trifluoromethyl)-1~{H}-pyrazol-4-yl]isoquinolin-2-yl]methyl]benzamide 'C22 H16 F4 N4 O2'
#
# COMPACT_ATOMS: atom_id res chain seq x y z
N GLU A 5 -49.83 4.66 -7.62
CA GLU A 5 -49.63 5.79 -6.70
C GLU A 5 -49.24 5.27 -5.34
N ALA A 6 -49.48 3.96 -5.14
CA ALA A 6 -49.21 3.30 -3.88
C ALA A 6 -47.71 3.07 -3.66
N LEU A 7 -47.09 2.32 -4.57
CA LEU A 7 -45.66 2.07 -4.44
C LEU A 7 -44.89 3.39 -4.47
N ILE A 8 -45.45 4.40 -5.13
CA ILE A 8 -44.78 5.70 -5.28
C ILE A 8 -44.61 6.36 -3.91
N ARG A 9 -45.51 6.07 -2.97
CA ARG A 9 -45.51 6.75 -1.68
C ARG A 9 -44.45 6.20 -0.72
N ASP A 10 -43.85 5.05 -1.03
CA ASP A 10 -42.95 4.36 -0.13
C ASP A 10 -41.50 4.84 -0.40
N PRO A 11 -40.83 5.52 0.55
CA PRO A 11 -39.46 6.01 0.28
C PRO A 11 -38.42 4.90 0.21
N ARG A 12 -38.77 3.70 0.68
CA ARG A 12 -37.96 2.51 0.42
C ARG A 12 -38.30 1.88 -0.94
N SER A 13 -39.53 2.04 -1.44
CA SER A 13 -39.95 1.31 -2.65
C SER A 13 -39.16 1.84 -3.86
N PRO A 14 -38.81 0.95 -4.79
CA PRO A 14 -37.89 1.36 -5.88
C PRO A 14 -38.42 2.51 -6.73
N ILE A 15 -39.73 2.76 -6.75
CA ILE A 15 -40.30 3.73 -7.68
C ILE A 15 -40.88 4.93 -6.95
N ASN A 16 -40.24 5.42 -5.89
CA ASN A 16 -40.78 6.63 -5.31
C ASN A 16 -40.32 7.86 -6.09
N VAL A 17 -40.83 9.03 -5.70
CA VAL A 17 -40.57 10.26 -6.46
C VAL A 17 -39.08 10.57 -6.48
N GLU A 18 -38.38 10.30 -5.37
CA GLU A 18 -36.95 10.60 -5.33
C GLU A 18 -36.23 9.83 -6.44
N SER A 19 -36.61 8.57 -6.62
CA SER A 19 -36.06 7.73 -7.69
C SER A 19 -36.45 8.26 -9.06
N LEU A 20 -37.76 8.46 -9.30
CA LEU A 20 -38.25 8.91 -10.60
C LEU A 20 -37.55 10.20 -11.05
N LEU A 21 -37.26 11.09 -10.10
CA LEU A 21 -36.54 12.31 -10.43
C LEU A 21 -35.09 12.02 -10.75
N ASP A 22 -34.46 11.13 -9.98
CA ASP A 22 -33.07 10.76 -10.25
C ASP A 22 -32.89 10.21 -11.66
N GLY A 23 -33.79 9.35 -12.08
CA GLY A 23 -33.70 8.81 -13.42
C GLY A 23 -33.80 9.91 -14.44
N LEU A 24 -34.91 10.66 -14.39
CA LEU A 24 -35.12 11.76 -15.32
C LEU A 24 -33.91 12.68 -15.34
N ASN A 25 -33.36 12.98 -14.16
CA ASN A 25 -32.22 13.87 -14.10
C ASN A 25 -30.97 13.16 -14.59
N SER A 26 -30.82 11.87 -14.28
CA SER A 26 -29.70 11.09 -14.81
C SER A 26 -29.77 10.95 -16.32
N LEU A 27 -30.98 10.90 -16.88
CA LEU A 27 -31.14 10.79 -18.33
C LEU A 27 -30.62 12.04 -19.03
N VAL A 28 -31.11 13.21 -18.62
CA VAL A 28 -30.59 14.45 -19.17
C VAL A 28 -29.07 14.50 -19.04
N LEU A 29 -28.56 14.15 -17.85
CA LEU A 29 -27.13 14.21 -17.58
C LEU A 29 -26.33 13.39 -18.58
N ASP A 30 -26.70 12.12 -18.78
CA ASP A 30 -25.96 11.20 -19.62
C ASP A 30 -26.20 11.40 -21.11
N LEU A 31 -27.09 12.31 -21.48
CA LEU A 31 -27.42 12.54 -22.89
C LEU A 31 -26.95 13.87 -23.43
N ASP A 32 -26.80 14.90 -22.59
CA ASP A 32 -26.47 16.24 -23.08
C ASP A 32 -24.97 16.36 -23.30
N PHE A 33 -24.54 15.86 -24.47
CA PHE A 33 -23.16 15.94 -24.95
C PHE A 33 -23.27 16.24 -26.44
N PRO A 34 -22.50 17.20 -26.97
CA PRO A 34 -22.71 17.65 -28.37
C PRO A 34 -22.74 16.50 -29.37
N ALA A 35 -21.88 15.50 -29.15
CA ALA A 35 -21.87 14.27 -29.94
C ALA A 35 -23.23 13.60 -29.97
N LEU A 36 -23.78 13.31 -28.78
CA LEU A 36 -25.02 12.55 -28.72
C LEU A 36 -26.19 13.39 -29.23
N ARG A 37 -26.14 14.71 -29.04
CA ARG A 37 -27.19 15.59 -29.53
C ARG A 37 -27.34 15.54 -31.06
N LYS A 38 -26.37 14.93 -31.79
CA LYS A 38 -26.46 14.72 -33.23
C LYS A 38 -27.44 13.63 -33.60
N ASN A 39 -27.94 12.90 -32.60
CA ASN A 39 -29.15 12.08 -32.76
C ASN A 39 -30.37 12.98 -32.60
N LYS A 40 -31.35 12.82 -33.50
CA LYS A 40 -32.54 13.67 -33.45
C LYS A 40 -33.34 13.43 -32.17
N ASN A 41 -33.73 12.17 -31.91
CA ASN A 41 -34.49 11.80 -30.72
C ASN A 41 -33.93 12.43 -29.45
N ILE A 42 -32.61 12.32 -29.26
CA ILE A 42 -31.99 12.81 -28.03
C ILE A 42 -32.10 14.32 -27.94
N ASP A 43 -31.98 15.02 -29.08
CA ASP A 43 -32.12 16.46 -29.05
C ASP A 43 -33.56 16.84 -28.76
N ASN A 44 -34.50 16.15 -29.39
CA ASN A 44 -35.91 16.42 -29.12
C ASN A 44 -36.20 16.33 -27.63
N PHE A 45 -35.66 15.30 -26.96
CA PHE A 45 -35.86 15.14 -25.53
C PHE A 45 -35.22 16.28 -24.75
N LEU A 46 -33.91 16.47 -24.95
CA LEU A 46 -33.19 17.52 -24.23
C LEU A 46 -33.79 18.89 -24.51
N ASN A 47 -34.37 19.10 -25.68
CA ASN A 47 -35.07 20.36 -25.92
C ASN A 47 -36.26 20.48 -25.00
N ARG A 48 -37.14 19.47 -25.01
CA ARG A 48 -38.39 19.55 -24.26
C ARG A 48 -38.16 19.62 -22.76
N TYR A 49 -36.96 19.25 -22.28
CA TYR A 49 -36.74 19.05 -20.84
C TYR A 49 -35.54 19.75 -20.21
N GLU A 50 -34.56 20.24 -20.98
CA GLU A 50 -33.35 20.74 -20.35
C GLU A 50 -33.65 21.96 -19.46
N LYS A 51 -34.50 22.88 -19.95
CA LYS A 51 -34.85 24.04 -19.13
C LYS A 51 -35.47 23.62 -17.79
N ILE A 52 -36.46 22.74 -17.84
CA ILE A 52 -37.17 22.31 -16.62
C ILE A 52 -36.23 21.55 -15.69
N VAL A 53 -35.40 20.66 -16.25
CA VAL A 53 -34.54 19.84 -15.41
C VAL A 53 -33.57 20.71 -14.63
N LYS A 54 -32.99 21.72 -15.29
CA LYS A 54 -32.10 22.63 -14.60
C LYS A 54 -32.84 23.39 -13.48
N LYS A 55 -34.07 23.82 -13.73
CA LYS A 55 -34.86 24.43 -12.65
C LYS A 55 -35.09 23.44 -11.51
N ILE A 56 -35.47 22.21 -11.85
CA ILE A 56 -35.66 21.15 -10.86
C ILE A 56 -34.39 20.92 -10.04
N ARG A 57 -33.25 20.71 -10.72
CA ARG A 57 -31.99 20.49 -10.00
C ARG A 57 -31.76 21.57 -8.93
N GLY A 58 -32.25 22.78 -9.18
CA GLY A 58 -32.08 23.83 -8.21
C GLY A 58 -32.97 23.66 -6.99
N LEU A 59 -34.15 23.09 -7.17
CA LEU A 59 -35.07 22.99 -6.05
C LEU A 59 -34.80 21.79 -5.15
N GLN A 60 -34.05 20.80 -5.66
CA GLN A 60 -33.69 19.59 -4.92
C GLN A 60 -32.53 19.87 -3.97
N MET A 61 -32.46 19.10 -2.88
CA MET A 61 -31.32 19.23 -1.99
C MET A 61 -30.06 19.10 -2.84
N LYS A 62 -29.15 20.04 -2.64
CA LYS A 62 -27.92 20.15 -3.41
C LYS A 62 -26.79 20.49 -2.46
N ALA A 63 -25.55 20.26 -2.89
CA ALA A 63 -24.40 20.51 -2.02
C ALA A 63 -24.35 21.96 -1.49
N GLU A 64 -24.90 22.93 -2.24
CA GLU A 64 -24.81 24.34 -1.87
C GLU A 64 -25.66 24.73 -0.67
N ASP A 65 -26.63 23.89 -0.29
CA ASP A 65 -27.46 24.23 0.87
C ASP A 65 -26.71 23.99 2.18
N TYR A 66 -25.43 23.62 2.11
CA TYR A 66 -24.65 23.21 3.27
C TYR A 66 -23.41 24.09 3.36
N ASP A 67 -23.30 24.85 4.46
CA ASP A 67 -22.04 25.49 4.81
C ASP A 67 -21.04 24.43 5.22
N VAL A 68 -19.85 24.47 4.61
CA VAL A 68 -18.78 23.51 4.86
C VAL A 68 -17.72 24.12 5.77
N VAL A 69 -17.55 23.55 6.96
CA VAL A 69 -16.70 24.14 8.01
C VAL A 69 -15.29 23.60 7.98
N LYS A 70 -15.13 22.28 7.86
CA LYS A 70 -13.80 21.66 7.76
C LYS A 70 -13.98 20.25 7.18
N VAL A 71 -12.95 19.78 6.48
CA VAL A 71 -12.90 18.37 6.11
C VAL A 71 -12.35 17.61 7.31
N ILE A 72 -13.10 16.63 7.81
CA ILE A 72 -12.69 15.95 9.05
C ILE A 72 -12.35 14.50 8.83
N GLY A 73 -12.35 14.03 7.60
CA GLY A 73 -11.93 12.67 7.34
C GLY A 73 -11.92 12.42 5.86
N ARG A 74 -10.83 11.86 5.34
CA ARG A 74 -10.80 11.48 3.94
C ARG A 74 -10.98 9.97 3.84
N GLY A 75 -10.92 9.47 2.62
CA GLY A 75 -11.22 8.07 2.39
C GLY A 75 -10.86 7.74 0.95
N ALA A 76 -11.15 6.48 0.59
CA ALA A 76 -10.75 5.99 -0.73
C ALA A 76 -11.45 6.76 -1.85
N PHE A 77 -12.77 6.91 -1.78
CA PHE A 77 -13.53 7.51 -2.87
C PHE A 77 -14.16 8.86 -2.50
N GLY A 78 -13.69 9.50 -1.44
CA GLY A 78 -14.19 10.82 -1.10
C GLY A 78 -13.79 11.25 0.30
N GLU A 79 -14.52 12.23 0.82
CA GLU A 79 -14.22 12.83 2.11
C GLU A 79 -15.50 12.99 2.92
N VAL A 80 -15.31 13.32 4.19
CA VAL A 80 -16.39 13.61 5.14
C VAL A 80 -16.17 15.04 5.60
N GLN A 81 -17.15 15.90 5.31
CA GLN A 81 -17.12 17.29 5.74
C GLN A 81 -18.02 17.49 6.93
N LEU A 82 -17.56 18.35 7.85
CA LEU A 82 -18.45 18.92 8.85
C LEU A 82 -19.19 20.09 8.20
N VAL A 83 -20.51 20.02 8.15
CA VAL A 83 -21.25 21.01 7.39
C VAL A 83 -22.32 21.55 8.31
N ARG A 84 -22.75 22.78 8.05
CA ARG A 84 -23.93 23.32 8.70
C ARG A 84 -24.95 23.69 7.62
N HIS A 85 -26.17 23.21 7.79
CA HIS A 85 -27.25 23.54 6.87
C HIS A 85 -27.49 25.05 6.86
N LYS A 86 -27.37 25.68 5.69
CA LYS A 86 -27.48 27.14 5.63
C LYS A 86 -28.85 27.60 6.08
N ALA A 87 -29.92 27.02 5.52
CA ALA A 87 -31.26 27.51 5.81
C ALA A 87 -31.72 27.21 7.25
N SER A 88 -31.36 26.03 7.79
CA SER A 88 -31.85 25.62 9.12
C SER A 88 -30.80 25.75 10.22
N GLN A 89 -29.53 26.03 9.85
CA GLN A 89 -28.36 26.17 10.72
C GLN A 89 -27.98 24.89 11.48
N LYS A 90 -28.63 23.76 11.17
CA LYS A 90 -28.35 22.47 11.79
C LYS A 90 -27.02 21.91 11.30
N VAL A 91 -26.38 21.10 12.16
CA VAL A 91 -25.01 20.63 11.96
C VAL A 91 -25.02 19.15 11.62
N TYR A 92 -24.34 18.79 10.53
CA TYR A 92 -24.27 17.40 10.10
C TYR A 92 -22.85 17.04 9.71
N ALA A 93 -22.59 15.74 9.65
CA ALA A 93 -21.42 15.20 8.98
C ALA A 93 -21.87 14.72 7.61
N MET A 94 -21.11 15.05 6.57
CA MET A 94 -21.52 14.74 5.21
C MET A 94 -20.42 13.95 4.49
N LYS A 95 -20.67 12.68 4.23
CA LYS A 95 -19.77 11.88 3.42
C LYS A 95 -20.05 12.10 1.94
N LEU A 96 -18.97 12.18 1.15
CA LEU A 96 -19.01 12.39 -0.29
C LEU A 96 -18.33 11.22 -0.97
N LEU A 97 -19.04 10.53 -1.85
CA LEU A 97 -18.45 9.47 -2.66
C LEU A 97 -18.39 9.96 -4.11
N SER A 98 -17.24 9.74 -4.76
CA SER A 98 -17.04 10.23 -6.12
C SER A 98 -17.56 9.20 -7.12
N LYS A 99 -18.51 9.61 -7.94
CA LYS A 99 -19.04 8.72 -8.97
C LYS A 99 -17.96 8.34 -9.96
N PHE A 100 -17.11 9.31 -10.31
CA PHE A 100 -15.96 9.05 -11.18
C PHE A 100 -15.13 7.90 -10.63
N GLU A 101 -14.72 8.02 -9.37
CA GLU A 101 -13.83 7.02 -8.77
C GLU A 101 -14.52 5.69 -8.51
N MET A 102 -15.80 5.71 -8.11
CA MET A 102 -16.46 4.44 -7.83
C MET A 102 -16.64 3.64 -9.11
N ILE A 103 -16.97 4.33 -10.20
CA ILE A 103 -17.13 3.64 -11.48
C ILE A 103 -15.85 2.95 -11.89
N LYS A 104 -14.71 3.66 -11.81
CA LYS A 104 -13.47 3.06 -12.29
C LYS A 104 -12.96 1.99 -11.33
N ARG A 105 -12.73 2.35 -10.07
CA ARG A 105 -11.99 1.49 -9.16
C ARG A 105 -12.84 0.76 -8.11
N SER A 106 -14.04 0.28 -8.45
CA SER A 106 -14.85 -0.32 -7.38
C SER A 106 -15.92 -1.25 -7.92
N ASP A 107 -16.43 -2.08 -7.00
CA ASP A 107 -17.71 -2.73 -7.23
C ASP A 107 -18.83 -1.71 -7.42
N SER A 108 -18.62 -0.46 -6.95
CA SER A 108 -19.54 0.69 -7.12
C SER A 108 -21.00 0.33 -6.76
N ALA A 109 -21.17 -0.57 -5.78
CA ALA A 109 -22.48 -0.85 -5.21
C ALA A 109 -22.44 -0.83 -3.69
N PHE A 110 -21.28 -0.56 -3.09
CA PHE A 110 -21.15 -0.67 -1.64
C PHE A 110 -22.04 0.35 -0.94
N PHE A 111 -22.49 1.37 -1.65
CA PHE A 111 -23.10 2.50 -0.98
C PHE A 111 -24.56 2.26 -0.65
N TRP A 112 -25.20 1.28 -1.27
CA TRP A 112 -26.62 1.07 -0.99
C TRP A 112 -26.79 0.60 0.44
N GLU A 113 -26.06 -0.45 0.81
CA GLU A 113 -26.11 -0.94 2.18
C GLU A 113 -25.69 0.15 3.15
N GLU A 114 -24.57 0.82 2.86
CA GLU A 114 -24.09 1.86 3.75
C GLU A 114 -25.18 2.89 4.02
N ARG A 115 -25.90 3.31 3.00
CA ARG A 115 -26.99 4.24 3.21
C ARG A 115 -28.13 3.58 3.97
N ASP A 116 -28.63 2.44 3.46
CA ASP A 116 -29.80 1.78 4.04
C ASP A 116 -29.64 1.54 5.53
N ILE A 117 -28.44 1.11 5.97
CA ILE A 117 -28.20 0.81 7.39
C ILE A 117 -28.28 2.08 8.21
N MET A 118 -27.62 3.15 7.75
CA MET A 118 -27.59 4.41 8.49
C MET A 118 -28.93 5.12 8.43
N ALA A 119 -29.79 4.77 7.47
CA ALA A 119 -31.08 5.41 7.35
C ALA A 119 -32.19 4.68 8.09
N PHE A 120 -32.04 3.39 8.40
CA PHE A 120 -33.16 2.58 8.87
C PHE A 120 -32.90 1.71 10.12
N ALA A 121 -31.64 1.48 10.50
CA ALA A 121 -31.38 0.67 11.70
C ALA A 121 -32.08 1.25 12.90
N ASN A 122 -32.15 2.58 12.98
CA ASN A 122 -32.52 3.36 14.16
C ASN A 122 -32.14 2.59 15.42
N SER A 123 -30.83 2.48 15.60
CA SER A 123 -30.15 1.86 16.71
C SER A 123 -29.30 2.91 17.40
N PRO A 124 -29.19 2.84 18.72
CA PRO A 124 -28.20 3.67 19.41
C PRO A 124 -26.80 3.44 18.93
N TRP A 125 -26.55 2.31 18.26
CA TRP A 125 -25.20 1.86 17.93
C TRP A 125 -24.77 2.20 16.51
N VAL A 126 -25.66 2.81 15.73
CA VAL A 126 -25.42 3.03 14.30
C VAL A 126 -25.65 4.50 13.99
N VAL A 127 -24.68 5.11 13.31
CA VAL A 127 -24.78 6.51 12.93
C VAL A 127 -26.00 6.70 12.06
N GLN A 128 -26.82 7.70 12.38
CA GLN A 128 -28.09 7.87 11.67
C GLN A 128 -27.90 8.76 10.44
N LEU A 129 -28.36 8.28 9.28
CA LEU A 129 -28.41 9.08 8.08
C LEU A 129 -29.76 9.78 8.03
N PHE A 130 -29.74 11.08 7.71
CA PHE A 130 -30.95 11.87 7.50
C PHE A 130 -31.27 12.13 6.03
N TYR A 131 -30.26 12.38 5.19
CA TYR A 131 -30.45 12.64 3.77
C TYR A 131 -29.42 11.93 2.92
N ALA A 132 -29.86 11.38 1.80
CA ALA A 132 -28.97 10.99 0.73
C ALA A 132 -29.38 11.74 -0.53
N PHE A 133 -28.41 12.39 -1.19
CA PHE A 133 -28.67 13.10 -2.44
C PHE A 133 -27.41 13.04 -3.29
N GLN A 134 -27.47 13.66 -4.46
CA GLN A 134 -26.38 13.52 -5.41
C GLN A 134 -26.40 14.66 -6.40
N ASP A 135 -25.30 14.76 -7.15
CA ASP A 135 -25.19 15.61 -8.32
C ASP A 135 -24.31 14.89 -9.34
N ASP A 136 -23.92 15.61 -10.40
CA ASP A 136 -23.31 14.96 -11.55
C ASP A 136 -21.95 14.31 -11.23
N ARG A 137 -21.30 14.72 -10.15
CA ARG A 137 -20.03 14.13 -9.77
C ARG A 137 -20.05 13.27 -8.52
N TYR A 138 -21.02 13.45 -7.60
CA TYR A 138 -20.90 12.93 -6.23
C TYR A 138 -22.19 12.35 -5.65
N LEU A 139 -21.99 11.43 -4.71
CA LEU A 139 -23.02 10.96 -3.79
C LEU A 139 -22.83 11.66 -2.44
N TYR A 140 -23.94 11.98 -1.78
CA TYR A 140 -23.86 12.70 -0.52
C TYR A 140 -24.67 11.97 0.53
N MET A 141 -24.02 11.68 1.66
CA MET A 141 -24.70 11.06 2.80
C MET A 141 -24.60 12.00 3.98
N VAL A 142 -25.75 12.51 4.40
CA VAL A 142 -25.87 13.52 5.47
C VAL A 142 -26.31 12.83 6.76
N MET A 143 -25.44 12.84 7.77
CA MET A 143 -25.67 12.05 8.97
C MET A 143 -25.45 12.89 10.22
N GLU A 144 -26.03 12.45 11.34
CA GLU A 144 -25.73 13.07 12.62
C GLU A 144 -24.23 13.03 12.83
N TYR A 145 -23.70 14.14 13.32
CA TYR A 145 -22.27 14.35 13.47
C TYR A 145 -21.82 13.89 14.86
N MET A 146 -20.75 13.11 14.91
CA MET A 146 -20.31 12.58 16.19
C MET A 146 -19.12 13.35 16.72
N PRO A 147 -19.31 14.27 17.67
CA PRO A 147 -18.24 15.21 18.01
C PRO A 147 -17.20 14.67 18.97
N GLY A 148 -17.34 13.42 19.44
CA GLY A 148 -16.34 12.87 20.34
C GLY A 148 -15.05 12.37 19.69
N GLY A 149 -14.97 12.29 18.35
CA GLY A 149 -13.81 11.70 17.70
C GLY A 149 -13.95 10.18 17.57
N ASP A 150 -12.91 9.55 17.03
CA ASP A 150 -12.90 8.09 16.97
C ASP A 150 -12.01 7.55 18.08
N LEU A 151 -12.03 6.22 18.24
CA LEU A 151 -11.24 5.57 19.29
C LEU A 151 -9.75 5.55 18.97
N VAL A 152 -9.39 5.77 17.69
CA VAL A 152 -7.99 6.05 17.30
C VAL A 152 -7.49 7.31 17.99
N ASN A 153 -8.18 8.45 17.77
CA ASN A 153 -7.77 9.70 18.39
C ASN A 153 -7.68 9.58 19.91
N LEU A 154 -8.63 8.84 20.50
CA LEU A 154 -8.64 8.68 21.95
C LEU A 154 -7.44 7.86 22.44
N MET A 155 -7.18 6.71 21.83
CA MET A 155 -5.99 5.97 22.20
C MET A 155 -4.73 6.80 21.99
N SER A 156 -4.77 7.75 21.03
CA SER A 156 -3.67 8.66 20.76
C SER A 156 -3.42 9.63 21.90
N ASN A 157 -4.41 9.89 22.75
CA ASN A 157 -4.32 10.95 23.75
C ASN A 157 -4.49 10.46 25.19
N TYR A 158 -4.47 9.16 25.43
CA TYR A 158 -4.61 8.65 26.79
C TYR A 158 -3.86 7.35 26.92
N ASP A 159 -3.40 7.10 28.14
CA ASP A 159 -2.98 5.75 28.51
C ASP A 159 -4.25 5.00 28.83
N VAL A 160 -4.75 4.17 27.91
CA VAL A 160 -6.08 3.62 28.12
C VAL A 160 -5.98 2.56 29.22
N PRO A 161 -6.75 2.69 30.29
CA PRO A 161 -6.79 1.68 31.35
C PRO A 161 -7.82 0.60 31.09
N GLU A 162 -7.48 -0.61 31.55
CA GLU A 162 -8.32 -1.77 31.24
C GLU A 162 -9.78 -1.53 31.63
N LYS A 163 -10.02 -0.71 32.67
CA LYS A 163 -11.39 -0.32 33.00
C LYS A 163 -12.08 0.28 31.78
N TRP A 164 -11.39 1.22 31.11
CA TRP A 164 -11.93 1.84 29.91
C TRP A 164 -12.11 0.86 28.79
N ALA A 165 -11.05 0.09 28.45
CA ALA A 165 -11.17 -0.93 27.41
C ALA A 165 -12.31 -1.89 27.72
N LYS A 166 -12.47 -2.28 28.97
CA LYS A 166 -13.63 -3.08 29.35
C LYS A 166 -14.92 -2.37 28.93
N PHE A 167 -14.97 -1.04 29.07
CA PHE A 167 -16.13 -0.26 28.64
C PHE A 167 -16.26 -0.23 27.12
N TYR A 168 -15.23 0.23 26.43
CA TYR A 168 -15.33 0.42 24.99
C TYR A 168 -15.57 -0.90 24.27
N THR A 169 -14.84 -1.95 24.66
CA THR A 169 -15.01 -3.23 24.00
C THR A 169 -16.45 -3.70 24.10
N ALA A 170 -17.04 -3.59 25.30
CA ALA A 170 -18.43 -4.01 25.47
C ALA A 170 -19.36 -3.25 24.54
N GLU A 171 -19.17 -1.94 24.42
CA GLU A 171 -20.04 -1.16 23.55
C GLU A 171 -19.88 -1.58 22.09
N VAL A 172 -18.65 -1.88 21.66
CA VAL A 172 -18.42 -2.35 20.31
C VAL A 172 -19.08 -3.70 20.10
N VAL A 173 -19.00 -4.56 21.12
CA VAL A 173 -19.62 -5.88 21.04
C VAL A 173 -21.14 -5.76 20.89
N LEU A 174 -21.77 -4.97 21.75
CA LEU A 174 -23.21 -4.77 21.60
C LEU A 174 -23.54 -4.19 20.23
N ALA A 175 -22.71 -3.26 19.73
CA ALA A 175 -22.96 -2.62 18.45
C ALA A 175 -22.76 -3.61 17.30
N LEU A 176 -21.67 -4.36 17.32
CA LEU A 176 -21.51 -5.36 16.28
C LEU A 176 -22.66 -6.35 16.31
N ASP A 177 -23.11 -6.72 17.51
CA ASP A 177 -24.25 -7.62 17.64
C ASP A 177 -25.53 -6.97 17.12
N ALA A 178 -25.74 -5.69 17.42
CA ALA A 178 -26.87 -4.98 16.83
C ALA A 178 -26.81 -5.05 15.31
N ILE A 179 -25.67 -4.67 14.75
CA ILE A 179 -25.43 -4.78 13.32
C ILE A 179 -25.70 -6.21 12.85
N HIS A 180 -25.23 -7.21 13.62
CA HIS A 180 -25.39 -8.60 13.21
C HIS A 180 -26.86 -8.98 13.11
N SER A 181 -27.62 -8.78 14.19
CA SER A 181 -29.01 -9.19 14.22
C SER A 181 -29.88 -8.48 13.17
N MET A 182 -29.38 -7.41 12.54
CA MET A 182 -30.03 -6.86 11.36
C MET A 182 -29.66 -7.62 10.07
N GLY A 183 -28.93 -8.74 10.20
CA GLY A 183 -28.62 -9.62 9.08
C GLY A 183 -27.28 -9.35 8.43
N LEU A 184 -26.49 -8.42 8.98
CA LEU A 184 -25.35 -7.85 8.31
C LEU A 184 -24.06 -8.22 9.03
N ILE A 185 -23.01 -8.42 8.25
CA ILE A 185 -21.67 -8.57 8.75
C ILE A 185 -20.91 -7.30 8.42
N HIS A 186 -20.30 -6.69 9.42
CA HIS A 186 -19.47 -5.50 9.26
C HIS A 186 -18.04 -5.92 9.04
N ARG A 187 -17.65 -5.97 7.79
CA ARG A 187 -16.40 -6.66 7.55
C ARG A 187 -15.18 -5.81 7.87
N ASP A 188 -15.37 -4.57 8.36
CA ASP A 188 -14.25 -3.62 8.50
C ASP A 188 -14.38 -2.93 9.87
N VAL A 189 -14.11 -3.68 10.94
CA VAL A 189 -14.23 -3.18 12.31
C VAL A 189 -12.85 -2.66 12.73
N LYS A 190 -12.63 -1.35 12.64
CA LYS A 190 -11.37 -0.75 13.08
C LYS A 190 -11.67 0.37 14.06
N PRO A 191 -10.71 0.75 14.91
CA PRO A 191 -10.95 1.92 15.78
C PRO A 191 -11.18 3.19 14.99
N ASP A 192 -10.76 3.25 13.73
CA ASP A 192 -11.15 4.35 12.84
C ASP A 192 -12.66 4.43 12.63
N ASN A 193 -13.37 3.29 12.70
CA ASN A 193 -14.79 3.23 12.40
C ASN A 193 -15.68 3.26 13.63
N MET A 194 -15.09 3.36 14.82
CA MET A 194 -15.86 3.47 16.05
C MET A 194 -15.79 4.94 16.49
N LEU A 195 -16.96 5.60 16.56
CA LEU A 195 -17.08 7.04 16.81
C LEU A 195 -17.82 7.26 18.13
N LEU A 196 -17.55 8.41 18.75
CA LEU A 196 -18.06 8.77 20.07
C LEU A 196 -19.07 9.93 19.96
N ASP A 197 -20.21 9.79 20.64
CA ASP A 197 -21.27 10.80 20.57
C ASP A 197 -21.08 11.91 21.60
N LYS A 198 -22.10 12.78 21.72
CA LYS A 198 -22.01 13.93 22.60
C LYS A 198 -21.56 13.54 24.01
N HIS A 199 -21.99 12.39 24.49
CA HIS A 199 -21.72 11.93 25.84
C HIS A 199 -20.62 10.89 25.93
N GLY A 200 -19.92 10.61 24.82
CA GLY A 200 -18.79 9.69 24.84
C GLY A 200 -19.10 8.22 24.64
N HIS A 201 -20.23 7.89 24.00
CA HIS A 201 -20.62 6.51 23.75
C HIS A 201 -20.40 6.14 22.28
N LEU A 202 -20.22 4.85 22.06
CA LEU A 202 -19.77 4.30 20.79
C LEU A 202 -20.87 4.34 19.72
N LYS A 203 -20.48 4.57 18.46
CA LYS A 203 -21.35 4.33 17.31
C LYS A 203 -20.46 3.82 16.17
N LEU A 204 -20.93 2.80 15.46
CA LEU A 204 -20.20 2.29 14.31
C LEU A 204 -20.50 3.11 13.05
N ALA A 205 -19.57 3.14 12.12
CA ALA A 205 -19.74 3.90 10.87
C ALA A 205 -18.99 3.17 9.75
N ASP A 206 -18.86 3.84 8.59
CA ASP A 206 -18.25 3.30 7.36
C ASP A 206 -18.75 1.89 7.09
N PHE A 207 -20.00 1.77 6.68
CA PHE A 207 -20.56 0.47 6.34
C PHE A 207 -20.39 0.17 4.86
N GLY A 208 -19.50 0.90 4.19
CA GLY A 208 -19.08 0.59 2.84
C GLY A 208 -18.81 -0.88 2.62
N THR A 209 -18.45 -1.59 3.68
CA THR A 209 -18.00 -2.98 3.58
C THR A 209 -19.03 -3.99 4.08
N CYS A 210 -20.29 -3.59 4.23
CA CYS A 210 -21.25 -4.51 4.81
C CYS A 210 -21.79 -5.48 3.78
N MET A 211 -22.12 -6.68 4.24
CA MET A 211 -22.68 -7.73 3.41
C MET A 211 -23.79 -8.39 4.19
N LYS A 212 -24.96 -8.55 3.58
CA LYS A 212 -26.07 -9.24 4.25
C LYS A 212 -25.84 -10.75 4.18
N MET A 213 -26.13 -11.45 5.29
CA MET A 213 -25.93 -12.89 5.39
C MET A 213 -27.07 -13.63 4.69
N ASP A 214 -26.89 -14.92 4.45
CA ASP A 214 -28.02 -15.72 4.00
C ASP A 214 -28.78 -16.26 5.22
N GLU A 215 -29.75 -17.15 4.97
CA GLU A 215 -30.57 -17.70 6.04
C GLU A 215 -29.79 -18.64 6.95
N THR A 216 -28.73 -19.28 6.40
CA THR A 216 -27.83 -20.09 7.20
C THR A 216 -26.91 -19.24 8.08
N GLY A 217 -26.94 -17.91 7.93
CA GLY A 217 -26.13 -17.01 8.73
C GLY A 217 -24.70 -16.84 8.28
N MET A 218 -24.42 -17.11 7.02
CA MET A 218 -23.09 -17.00 6.46
C MET A 218 -23.12 -16.02 5.30
N VAL A 219 -21.92 -15.71 4.81
CA VAL A 219 -21.76 -14.99 3.56
C VAL A 219 -20.79 -15.83 2.74
N HIS A 220 -20.92 -15.73 1.43
CA HIS A 220 -20.00 -16.37 0.49
C HIS A 220 -19.44 -15.22 -0.35
N CYS A 221 -18.28 -14.73 0.04
CA CYS A 221 -17.59 -13.72 -0.73
C CYS A 221 -16.33 -14.35 -1.29
N ASP A 222 -15.80 -13.75 -2.37
CA ASP A 222 -14.61 -14.27 -3.02
C ASP A 222 -13.58 -13.18 -3.27
N THR A 223 -13.65 -12.10 -2.49
CA THR A 223 -12.61 -11.06 -2.46
C THR A 223 -12.36 -10.68 -1.00
N ALA A 224 -11.08 -10.52 -0.64
CA ALA A 224 -10.68 -10.15 0.72
C ALA A 224 -10.97 -8.68 0.96
N VAL A 225 -11.81 -8.38 1.96
CA VAL A 225 -12.16 -6.99 2.21
C VAL A 225 -11.82 -6.59 3.64
N GLY A 226 -11.59 -5.30 3.81
CA GLY A 226 -11.33 -4.70 5.10
C GLY A 226 -10.10 -3.82 5.03
N THR A 227 -9.34 -3.80 6.11
CA THR A 227 -8.08 -3.07 6.14
C THR A 227 -7.09 -3.96 6.87
N PRO A 228 -5.79 -3.91 6.52
CA PRO A 228 -4.98 -5.11 6.71
C PRO A 228 -4.70 -5.48 8.15
N ASP A 229 -4.45 -4.53 9.04
CA ASP A 229 -4.16 -4.90 10.43
C ASP A 229 -5.28 -5.73 11.06
N TYR A 230 -6.49 -5.63 10.53
CA TYR A 230 -7.69 -6.20 11.14
C TYR A 230 -8.34 -7.33 10.36
N ILE A 231 -7.92 -7.60 9.11
CA ILE A 231 -8.55 -8.63 8.29
C ILE A 231 -8.54 -9.95 9.06
N SER A 232 -9.70 -10.64 9.12
CA SER A 232 -9.66 -11.94 9.79
C SER A 232 -9.03 -12.95 8.85
N PRO A 233 -8.47 -14.03 9.39
CA PRO A 233 -7.80 -15.02 8.52
C PRO A 233 -8.73 -15.71 7.54
N GLU A 234 -10.03 -15.78 7.82
CA GLU A 234 -10.93 -16.42 6.86
C GLU A 234 -11.25 -15.51 5.69
N VAL A 235 -11.53 -14.24 5.99
CA VAL A 235 -11.72 -13.22 4.96
C VAL A 235 -10.45 -13.04 4.16
N LEU A 236 -9.31 -12.96 4.84
CA LEU A 236 -8.05 -12.91 4.11
C LEU A 236 -7.91 -14.15 3.23
N LYS A 237 -8.22 -15.34 3.78
CA LYS A 237 -8.18 -16.58 2.99
C LYS A 237 -9.28 -16.62 1.93
N SER A 238 -10.40 -15.93 2.17
CA SER A 238 -11.53 -15.95 1.23
C SER A 238 -11.19 -15.32 -0.12
N GLN A 239 -10.10 -14.53 -0.20
CA GLN A 239 -9.69 -13.94 -1.47
C GLN A 239 -9.44 -14.99 -2.54
N GLY A 240 -9.17 -16.22 -2.15
CA GLY A 240 -8.81 -17.25 -3.10
C GLY A 240 -9.99 -18.08 -3.56
N GLY A 241 -11.20 -17.52 -3.51
CA GLY A 241 -12.40 -18.25 -3.86
C GLY A 241 -12.83 -19.19 -2.75
N ASP A 242 -14.07 -19.66 -2.86
CA ASP A 242 -14.71 -20.47 -1.83
C ASP A 242 -14.55 -19.82 -0.46
N GLY A 243 -14.96 -18.55 -0.38
CA GLY A 243 -14.99 -17.89 0.90
C GLY A 243 -16.29 -18.24 1.57
N PHE A 244 -16.25 -18.97 2.67
CA PHE A 244 -17.44 -19.17 3.48
C PHE A 244 -17.10 -18.77 4.91
N TYR A 245 -17.68 -17.67 5.38
CA TYR A 245 -17.55 -17.26 6.77
C TYR A 245 -18.88 -16.74 7.30
N GLY A 246 -18.94 -16.64 8.61
CA GLY A 246 -20.09 -16.06 9.26
C GLY A 246 -19.69 -14.81 10.01
N ARG A 247 -20.58 -14.34 10.87
CA ARG A 247 -20.33 -13.10 11.57
C ARG A 247 -19.16 -13.17 12.54
N GLU A 248 -18.60 -14.36 12.78
CA GLU A 248 -17.52 -14.42 13.74
C GLU A 248 -16.28 -13.65 13.29
N CYS A 249 -16.18 -13.29 11.99
CA CYS A 249 -15.03 -12.52 11.53
C CYS A 249 -14.98 -11.12 12.13
N ASP A 250 -16.12 -10.60 12.63
CA ASP A 250 -16.08 -9.31 13.32
C ASP A 250 -15.44 -9.45 14.69
N TRP A 251 -15.74 -10.56 15.40
CA TRP A 251 -15.16 -10.74 16.72
C TRP A 251 -13.64 -10.88 16.64
N TRP A 252 -13.11 -11.45 15.54
CA TRP A 252 -11.68 -11.41 15.31
C TRP A 252 -11.14 -9.97 15.37
N SER A 253 -11.81 -9.04 14.68
CA SER A 253 -11.38 -7.67 14.67
C SER A 253 -11.60 -7.00 16.03
N VAL A 254 -12.67 -7.35 16.73
CA VAL A 254 -12.81 -6.86 18.10
C VAL A 254 -11.58 -7.26 18.92
N GLY A 255 -11.08 -8.48 18.71
CA GLY A 255 -9.83 -8.92 19.32
C GLY A 255 -8.65 -8.01 19.04
N VAL A 256 -8.38 -7.74 17.76
CA VAL A 256 -7.30 -6.83 17.37
C VAL A 256 -7.42 -5.47 18.04
N PHE A 257 -8.65 -5.01 18.21
CA PHE A 257 -8.88 -3.69 18.80
C PHE A 257 -8.52 -3.67 20.29
N LEU A 258 -8.96 -4.67 21.06
CA LEU A 258 -8.53 -4.75 22.46
C LEU A 258 -7.02 -4.80 22.59
N TYR A 259 -6.37 -5.60 21.74
CA TYR A 259 -4.91 -5.68 21.75
C TYR A 259 -4.31 -4.30 21.54
N GLU A 260 -4.76 -3.60 20.51
CA GLU A 260 -4.18 -2.31 20.21
C GLU A 260 -4.44 -1.31 21.33
N MET A 261 -5.60 -1.38 21.96
CA MET A 261 -5.87 -0.43 23.05
C MET A 261 -4.92 -0.65 24.21
N LEU A 262 -4.70 -1.91 24.60
CA LEU A 262 -3.92 -2.21 25.80
C LEU A 262 -2.41 -2.19 25.52
N VAL A 263 -1.98 -2.76 24.40
CA VAL A 263 -0.56 -2.82 24.08
C VAL A 263 -0.08 -1.51 23.48
N GLY A 264 -0.81 -0.94 22.55
CA GLY A 264 -0.35 0.26 21.87
C GLY A 264 0.20 -0.01 20.49
N ASP A 265 0.19 -1.27 20.05
CA ASP A 265 0.58 -1.68 18.71
C ASP A 265 -0.38 -2.75 18.25
N THR A 266 -0.56 -2.88 16.86
CA THR A 266 -1.48 -3.92 16.39
C THR A 266 -0.81 -5.28 16.42
N PRO A 267 -1.55 -6.32 16.78
CA PRO A 267 -0.92 -7.61 17.09
C PRO A 267 -0.21 -8.25 15.94
N PHE A 268 -0.52 -7.92 14.70
CA PHE A 268 0.14 -8.61 13.59
C PHE A 268 0.82 -7.60 12.68
N TYR A 269 1.37 -6.57 13.32
CA TYR A 269 2.10 -5.51 12.62
C TYR A 269 3.23 -6.06 11.79
N ALA A 270 3.50 -5.40 10.66
CA ALA A 270 4.66 -5.68 9.83
C ALA A 270 4.92 -4.46 8.96
N ASP A 271 6.20 -4.27 8.60
CA ASP A 271 6.56 -3.14 7.75
C ASP A 271 5.82 -3.16 6.42
N SER A 272 5.51 -4.35 5.89
CA SER A 272 4.85 -4.45 4.60
C SER A 272 3.43 -4.99 4.77
N LEU A 273 2.66 -4.87 3.68
CA LEU A 273 1.37 -5.53 3.67
C LEU A 273 1.53 -7.03 3.67
N VAL A 274 2.30 -7.55 2.72
CA VAL A 274 2.54 -8.98 2.64
C VAL A 274 3.03 -9.51 3.98
N GLY A 275 3.80 -8.70 4.72
CA GLY A 275 4.20 -9.11 6.05
C GLY A 275 3.02 -9.28 7.00
N THR A 276 2.18 -8.24 7.11
CA THR A 276 0.99 -8.35 7.95
C THR A 276 0.09 -9.50 7.50
N TYR A 277 -0.22 -9.57 6.20
CA TYR A 277 -1.03 -10.66 5.68
C TYR A 277 -0.46 -12.02 6.09
N SER A 278 0.86 -12.21 5.93
CA SER A 278 1.49 -13.45 6.37
C SER A 278 1.37 -13.63 7.88
N LYS A 279 1.61 -12.55 8.65
CA LYS A 279 1.59 -12.65 10.12
C LYS A 279 0.21 -13.05 10.62
N ILE A 280 -0.84 -12.61 9.92
CA ILE A 280 -2.23 -12.95 10.26
C ILE A 280 -2.48 -14.44 10.07
N MET A 281 -2.17 -14.95 8.87
CA MET A 281 -2.32 -16.38 8.59
C MET A 281 -1.57 -17.23 9.60
N ASP A 282 -0.36 -16.82 9.99
CA ASP A 282 0.42 -17.54 11.00
C ASP A 282 0.15 -17.02 12.42
N HIS A 283 -1.13 -16.87 12.81
CA HIS A 283 -1.42 -16.20 14.08
C HIS A 283 -1.12 -17.05 15.32
N LYS A 284 -1.17 -18.39 15.20
CA LYS A 284 -0.76 -19.24 16.32
C LYS A 284 0.71 -19.02 16.64
N ASN A 285 1.53 -18.80 15.62
CA ASN A 285 2.97 -18.63 15.81
C ASN A 285 3.39 -17.16 15.93
N SER A 286 2.53 -16.20 15.54
CA SER A 286 2.92 -14.79 15.50
C SER A 286 2.31 -13.93 16.61
N LEU A 287 1.20 -14.36 17.21
CA LEU A 287 0.59 -13.62 18.30
C LEU A 287 1.43 -13.81 19.55
N CYS A 288 1.91 -12.71 20.11
CA CYS A 288 2.61 -12.79 21.38
C CYS A 288 2.46 -11.46 22.10
N PHE A 289 2.36 -11.54 23.31
CA PHE A 289 2.35 -10.23 23.93
C PHE A 289 3.77 -9.78 24.25
N PRO A 290 4.06 -8.49 24.16
CA PRO A 290 5.38 -8.01 24.57
C PRO A 290 5.63 -8.35 26.03
N GLU A 291 6.86 -8.81 26.33
CA GLU A 291 7.21 -9.23 27.68
C GLU A 291 6.95 -8.12 28.70
N ASP A 292 7.07 -6.86 28.28
CA ASP A 292 6.88 -5.68 29.10
C ASP A 292 5.47 -5.12 28.97
N ALA A 293 4.48 -6.01 28.95
CA ALA A 293 3.11 -5.64 28.59
C ALA A 293 2.36 -4.99 29.75
N GLU A 294 2.36 -5.62 30.92
CA GLU A 294 1.46 -5.25 32.01
C GLU A 294 0.01 -5.40 31.53
N ILE A 295 -0.25 -6.55 30.91
CA ILE A 295 -1.59 -6.98 30.51
C ILE A 295 -2.15 -7.95 31.53
N SER A 296 -3.44 -7.81 31.82
CA SER A 296 -4.14 -8.62 32.81
C SER A 296 -4.24 -10.08 32.40
N LYS A 297 -4.62 -10.92 33.36
CA LYS A 297 -4.83 -12.33 33.07
C LYS A 297 -6.02 -12.51 32.13
N HIS A 298 -7.18 -12.01 32.54
CA HIS A 298 -8.40 -12.13 31.75
C HIS A 298 -8.33 -11.32 30.46
N ALA A 299 -7.57 -10.23 30.46
CA ALA A 299 -7.47 -9.43 29.25
C ALA A 299 -6.76 -10.21 28.17
N LYS A 300 -5.50 -10.64 28.45
CA LYS A 300 -4.74 -11.49 27.53
C LYS A 300 -5.56 -12.72 27.13
N ASN A 301 -6.39 -13.23 28.04
CA ASN A 301 -7.24 -14.39 27.75
C ASN A 301 -8.28 -14.07 26.69
N LEU A 302 -9.11 -13.04 26.93
CA LEU A 302 -10.15 -12.68 25.98
C LEU A 302 -9.55 -12.44 24.61
N ILE A 303 -8.47 -11.67 24.56
CA ILE A 303 -7.84 -11.36 23.27
C ILE A 303 -7.39 -12.64 22.57
N CYS A 304 -6.83 -13.58 23.31
CA CYS A 304 -6.43 -14.81 22.61
C CYS A 304 -7.64 -15.59 22.16
N ALA A 305 -8.74 -15.52 22.91
CA ALA A 305 -9.96 -16.23 22.52
C ALA A 305 -10.57 -15.67 21.24
N PHE A 306 -10.33 -14.38 20.95
CA PHE A 306 -10.81 -13.79 19.69
C PHE A 306 -9.88 -14.10 18.53
N LEU A 307 -8.57 -13.98 18.75
CA LEU A 307 -7.59 -14.11 17.68
C LEU A 307 -7.20 -15.57 17.46
N THR A 308 -8.21 -16.39 17.14
CA THR A 308 -7.98 -17.77 16.77
C THR A 308 -8.81 -18.10 15.54
N ASP A 309 -8.68 -19.33 15.07
CA ASP A 309 -9.39 -19.75 13.89
C ASP A 309 -10.90 -19.66 14.11
N ARG A 310 -11.66 -19.54 13.02
CA ARG A 310 -13.09 -19.31 13.18
C ARG A 310 -13.78 -20.52 13.82
N GLU A 311 -13.27 -21.73 13.56
CA GLU A 311 -13.92 -22.94 14.08
C GLU A 311 -14.01 -22.95 15.59
N VAL A 312 -13.03 -22.37 16.27
CA VAL A 312 -12.97 -22.34 17.72
C VAL A 312 -13.03 -20.90 18.25
N ARG A 313 -13.44 -19.91 17.45
CA ARG A 313 -13.34 -18.52 17.89
C ARG A 313 -14.48 -18.14 18.82
N LEU A 314 -14.15 -17.53 19.96
CA LEU A 314 -15.13 -17.05 20.92
C LEU A 314 -16.15 -16.14 20.27
N GLY A 315 -17.41 -16.34 20.60
CA GLY A 315 -18.50 -15.62 19.97
C GLY A 315 -19.09 -16.32 18.78
N ARG A 316 -18.55 -17.49 18.41
CA ARG A 316 -19.15 -18.35 17.39
C ARG A 316 -20.61 -18.62 17.68
N ASN A 317 -20.91 -18.99 18.92
CA ASN A 317 -22.23 -19.46 19.27
C ASN A 317 -23.22 -18.33 19.45
N GLY A 318 -22.74 -17.15 19.86
CA GLY A 318 -23.62 -16.03 20.09
C GLY A 318 -22.91 -14.95 20.87
N VAL A 319 -23.64 -13.86 21.11
CA VAL A 319 -23.05 -12.76 21.87
C VAL A 319 -23.01 -13.08 23.37
N GLU A 320 -23.92 -13.96 23.83
CA GLU A 320 -24.11 -14.21 25.27
C GLU A 320 -22.87 -14.80 25.93
N GLU A 321 -22.08 -15.55 25.18
CA GLU A 321 -20.85 -16.14 25.69
C GLU A 321 -19.64 -15.22 25.57
N ILE A 322 -19.80 -14.04 24.98
CA ILE A 322 -18.79 -12.99 25.14
C ILE A 322 -19.07 -12.15 26.37
N ARG A 323 -20.35 -11.89 26.66
CA ARG A 323 -20.70 -11.02 27.77
C ARG A 323 -20.19 -11.58 29.09
N GLN A 324 -20.15 -12.90 29.21
CA GLN A 324 -19.87 -13.55 30.47
C GLN A 324 -18.40 -13.81 30.69
N HIS A 325 -17.53 -13.35 29.79
CA HIS A 325 -16.10 -13.50 30.02
C HIS A 325 -15.67 -12.66 31.21
N PRO A 326 -14.85 -13.22 32.11
CA PRO A 326 -14.47 -12.49 33.33
C PRO A 326 -13.84 -11.15 33.08
N PHE A 327 -13.19 -10.96 31.93
CA PHE A 327 -12.64 -9.64 31.61
C PHE A 327 -13.65 -8.51 31.82
N PHE A 328 -14.94 -8.81 31.68
CA PHE A 328 -15.95 -7.78 31.71
C PHE A 328 -16.49 -7.51 33.11
N LYS A 329 -15.89 -8.10 34.14
CA LYS A 329 -16.34 -7.82 35.50
C LYS A 329 -16.01 -6.38 35.85
N ASN A 330 -16.99 -5.65 36.42
CA ASN A 330 -16.68 -4.26 36.70
C ASN A 330 -17.71 -3.62 37.64
N ASP A 331 -17.22 -2.62 38.39
CA ASP A 331 -18.04 -1.82 39.31
C ASP A 331 -18.57 -0.55 38.66
N GLN A 332 -18.89 -0.60 37.36
CA GLN A 332 -19.29 0.61 36.65
C GLN A 332 -20.46 0.45 35.68
N TRP A 333 -20.84 -0.77 35.26
CA TRP A 333 -21.97 -0.97 34.35
C TRP A 333 -22.36 -2.43 34.34
N HIS A 334 -23.57 -2.68 33.81
CA HIS A 334 -24.06 -4.00 33.40
C HIS A 334 -24.35 -3.98 31.90
N TRP A 335 -24.54 -5.17 31.32
CA TRP A 335 -24.59 -5.24 29.86
C TRP A 335 -25.84 -4.61 29.28
N ASP A 336 -26.97 -4.69 29.98
CA ASP A 336 -28.24 -4.21 29.43
C ASP A 336 -28.44 -2.70 29.57
N ASN A 337 -27.52 -2.00 30.24
CA ASN A 337 -27.71 -0.57 30.47
C ASN A 337 -26.47 0.27 30.21
N ILE A 338 -25.43 -0.28 29.57
CA ILE A 338 -24.12 0.36 29.54
C ILE A 338 -24.18 1.72 28.85
N ARG A 339 -25.04 1.88 27.85
CA ARG A 339 -25.21 3.18 27.22
C ARG A 339 -25.92 4.18 28.14
N GLU A 340 -26.55 3.69 29.21
CA GLU A 340 -27.17 4.57 30.16
C GLU A 340 -26.22 4.96 31.30
N THR A 341 -25.12 4.24 31.49
CA THR A 341 -24.14 4.62 32.51
C THR A 341 -23.18 5.66 31.93
N ALA A 342 -22.36 6.27 32.79
CA ALA A 342 -21.49 7.33 32.33
C ALA A 342 -20.29 6.78 31.58
N ALA A 343 -19.91 7.48 30.51
CA ALA A 343 -18.78 7.05 29.69
C ALA A 343 -17.45 7.50 30.30
N PRO A 344 -16.37 6.71 30.11
CA PRO A 344 -15.09 7.05 30.76
C PRO A 344 -14.53 8.38 30.31
N VAL A 345 -14.83 8.82 29.10
CA VAL A 345 -14.40 10.13 28.61
C VAL A 345 -15.61 10.81 28.01
N VAL A 346 -16.04 11.93 28.61
CA VAL A 346 -17.17 12.72 28.14
C VAL A 346 -16.61 13.99 27.52
N PRO A 347 -16.94 14.28 26.26
CA PRO A 347 -16.26 15.39 25.56
C PRO A 347 -16.70 16.74 26.09
N GLU A 348 -15.73 17.60 26.37
CA GLU A 348 -16.06 18.97 26.76
C GLU A 348 -16.35 19.71 25.46
N LEU A 349 -17.63 19.86 25.14
CA LEU A 349 -18.05 20.46 23.89
C LEU A 349 -18.57 21.85 24.19
N SER A 350 -18.01 22.84 23.48
CA SER A 350 -18.34 24.26 23.66
C SER A 350 -19.43 24.71 22.70
N SER A 351 -19.42 24.20 21.47
CA SER A 351 -20.31 24.63 20.41
C SER A 351 -20.81 23.41 19.63
N ASP A 352 -21.86 23.62 18.84
CA ASP A 352 -22.44 22.58 17.97
C ASP A 352 -21.52 22.17 16.80
N ILE A 353 -20.46 22.93 16.50
CA ILE A 353 -19.52 22.71 15.40
C ILE A 353 -18.09 22.53 15.90
N ASP A 354 -17.94 22.14 17.15
CA ASP A 354 -16.63 21.88 17.76
C ASP A 354 -15.86 20.79 17.01
N SER A 355 -14.79 21.14 16.29
CA SER A 355 -14.05 20.14 15.49
C SER A 355 -12.67 19.90 16.05
N SER A 356 -12.57 19.78 17.38
CA SER A 356 -11.29 19.70 18.08
C SER A 356 -10.75 18.28 18.20
N ASN A 357 -11.64 17.30 18.35
CA ASN A 357 -11.27 15.89 18.40
C ASN A 357 -10.97 15.35 17.05
N PHE A 358 -10.64 16.25 16.12
CA PHE A 358 -10.39 15.90 14.73
C PHE A 358 -9.13 16.63 14.29
N ASP A 359 -8.17 15.88 13.74
CA ASP A 359 -7.02 16.48 13.08
C ASP A 359 -7.43 17.08 11.73
N ASP A 360 -6.51 17.79 11.09
CA ASP A 360 -6.87 18.55 9.91
C ASP A 360 -6.63 17.75 8.62
N ILE A 361 -7.28 18.18 7.55
CA ILE A 361 -7.15 17.51 6.25
C ILE A 361 -6.84 18.55 5.15
N PHE A 371 -14.40 13.15 -15.16
CA PHE A 371 -14.84 12.24 -16.24
C PHE A 371 -14.30 12.61 -17.61
N PRO A 372 -14.51 11.69 -18.59
CA PRO A 372 -14.38 12.08 -20.00
C PRO A 372 -15.71 12.45 -20.62
N ILE A 373 -15.66 13.31 -21.62
CA ILE A 373 -16.82 13.61 -22.46
C ILE A 373 -17.02 12.45 -23.44
N PRO A 374 -18.20 11.85 -23.52
CA PRO A 374 -18.35 10.62 -24.29
C PRO A 374 -18.65 10.87 -25.76
N LYS A 375 -18.22 9.89 -26.57
CA LYS A 375 -18.58 9.88 -27.98
C LYS A 375 -20.04 9.44 -28.12
N ALA A 376 -20.35 8.23 -27.65
CA ALA A 376 -21.69 7.68 -27.66
C ALA A 376 -22.23 7.52 -26.24
N PHE A 377 -23.42 6.94 -26.15
CA PHE A 377 -24.10 6.80 -24.88
C PHE A 377 -23.39 5.80 -23.98
N VAL A 378 -23.14 6.21 -22.74
CA VAL A 378 -22.48 5.36 -21.75
C VAL A 378 -23.43 5.01 -20.61
N GLY A 379 -24.19 5.98 -20.13
CA GLY A 379 -25.05 5.76 -18.98
C GLY A 379 -24.28 5.71 -17.69
N ASN A 380 -23.31 6.60 -17.51
CA ASN A 380 -22.52 6.61 -16.27
C ASN A 380 -23.35 6.97 -15.03
N GLN A 381 -24.50 7.61 -15.18
CA GLN A 381 -25.32 7.99 -14.04
C GLN A 381 -26.39 6.95 -13.69
N LEU A 382 -26.50 5.88 -14.47
CA LEU A 382 -27.49 4.84 -14.18
C LEU A 382 -27.28 4.14 -12.84
N PRO A 383 -26.05 3.73 -12.42
CA PRO A 383 -25.88 3.07 -11.12
C PRO A 383 -26.41 3.84 -9.92
N PHE A 384 -26.71 5.12 -10.11
CA PHE A 384 -27.06 5.97 -8.98
C PHE A 384 -28.53 6.37 -8.96
N ILE A 385 -29.33 5.83 -9.86
CA ILE A 385 -30.76 6.10 -9.82
C ILE A 385 -31.37 5.42 -8.61
N GLY A 386 -32.04 6.22 -7.76
CA GLY A 386 -32.70 5.78 -6.54
C GLY A 386 -31.95 6.10 -5.27
N PHE A 387 -30.72 6.63 -5.39
CA PHE A 387 -29.93 6.89 -4.19
C PHE A 387 -30.52 8.03 -3.38
N THR A 388 -31.18 9.00 -4.03
CA THR A 388 -31.74 10.14 -3.31
C THR A 388 -32.77 9.63 -2.33
N TYR A 389 -32.72 10.17 -1.11
CA TYR A 389 -33.68 9.78 -0.10
C TYR A 389 -33.76 10.89 0.92
N TYR A 390 -34.99 11.23 1.33
CA TYR A 390 -35.23 12.28 2.32
C TYR A 390 -36.09 11.67 3.44
N ARG A 391 -35.50 11.53 4.63
CA ARG A 391 -36.25 11.07 5.82
C ARG A 391 -37.37 12.02 6.17
N LYS B 3 48.72 -0.66 10.01
CA LYS B 3 47.94 -1.79 10.55
C LYS B 3 46.46 -1.41 10.76
N LEU B 4 46.27 -0.43 11.63
CA LEU B 4 45.03 0.34 11.58
C LEU B 4 45.05 1.30 10.40
N GLU B 5 46.24 1.76 9.99
CA GLU B 5 46.37 2.53 8.76
C GLU B 5 45.87 1.73 7.56
N ALA B 6 45.76 0.40 7.70
CA ALA B 6 45.24 -0.43 6.62
C ALA B 6 43.74 -0.24 6.49
N LEU B 7 43.01 -0.41 7.59
CA LEU B 7 41.57 -0.20 7.58
C LEU B 7 41.18 1.18 7.06
N ILE B 8 42.02 2.20 7.30
CA ILE B 8 41.72 3.54 6.82
C ILE B 8 41.86 3.64 5.29
N ARG B 9 42.76 2.84 4.69
CA ARG B 9 43.07 2.92 3.26
C ARG B 9 42.10 2.10 2.38
N ASP B 10 41.26 1.25 2.95
CA ASP B 10 40.45 0.31 2.19
C ASP B 10 39.13 0.94 1.79
N PRO B 11 38.84 1.10 0.49
CA PRO B 11 37.56 1.70 0.11
C PRO B 11 36.36 0.83 0.45
N ARG B 12 36.57 -0.46 0.74
CA ARG B 12 35.50 -1.29 1.27
C ARG B 12 35.23 -1.06 2.75
N SER B 13 36.25 -0.64 3.53
CA SER B 13 36.12 -0.60 4.97
C SER B 13 35.23 0.57 5.42
N PRO B 14 34.34 0.34 6.40
CA PRO B 14 33.40 1.39 6.81
C PRO B 14 34.04 2.66 7.33
N ILE B 15 35.28 2.61 7.82
CA ILE B 15 35.89 3.77 8.45
C ILE B 15 37.02 4.28 7.58
N ASN B 16 36.82 4.28 6.26
CA ASN B 16 37.82 4.90 5.42
C ASN B 16 37.71 6.42 5.53
N VAL B 17 38.63 7.13 4.90
CA VAL B 17 38.67 8.59 5.08
C VAL B 17 37.40 9.24 4.58
N GLU B 18 36.87 8.76 3.45
CA GLU B 18 35.65 9.34 2.90
C GLU B 18 34.50 9.23 3.91
N SER B 19 34.40 8.10 4.61
CA SER B 19 33.42 7.97 5.67
C SER B 19 33.72 8.91 6.84
N LEU B 20 34.96 8.89 7.35
CA LEU B 20 35.32 9.72 8.51
C LEU B 20 34.97 11.18 8.29
N LEU B 21 35.09 11.64 7.03
CA LEU B 21 34.66 12.99 6.65
C LEU B 21 33.13 13.10 6.64
N ASP B 22 32.43 12.05 6.18
CA ASP B 22 30.97 12.05 6.31
C ASP B 22 30.59 12.23 7.77
N GLY B 23 31.36 11.63 8.68
CA GLY B 23 31.13 11.78 10.10
C GLY B 23 31.23 13.23 10.52
N LEU B 24 32.37 13.86 10.24
CA LEU B 24 32.54 15.27 10.57
C LEU B 24 31.45 16.16 9.97
N ASN B 25 31.08 15.93 8.69
CA ASN B 25 30.09 16.82 8.07
C ASN B 25 28.70 16.58 8.65
N SER B 26 28.31 15.32 8.87
CA SER B 26 27.00 15.09 9.45
C SER B 26 26.90 15.70 10.83
N LEU B 27 27.99 15.67 11.58
CA LEU B 27 28.01 16.23 12.93
C LEU B 27 27.81 17.73 12.90
N VAL B 28 28.62 18.45 12.11
CA VAL B 28 28.44 19.89 11.96
C VAL B 28 27.01 20.21 11.50
N LEU B 29 26.55 19.54 10.44
CA LEU B 29 25.18 19.74 9.97
C LEU B 29 24.16 19.44 11.06
N ASP B 30 24.32 18.30 11.74
CA ASP B 30 23.35 17.91 12.75
C ASP B 30 23.46 18.70 14.05
N LEU B 31 24.48 19.55 14.20
CA LEU B 31 24.63 20.32 15.43
C LEU B 31 24.45 21.83 15.25
N ASP B 32 24.67 22.36 14.04
CA ASP B 32 24.62 23.81 13.78
C ASP B 32 23.17 24.24 13.64
N PHE B 33 22.52 24.40 14.78
CA PHE B 33 21.15 24.91 14.86
C PHE B 33 21.10 25.80 16.08
N PRO B 34 20.52 27.01 15.98
CA PRO B 34 20.57 27.98 17.09
C PRO B 34 20.10 27.40 18.40
N ALA B 35 19.11 26.50 18.36
CA ALA B 35 18.70 25.78 19.56
C ALA B 35 19.87 25.02 20.18
N LEU B 36 20.47 24.10 19.41
CA LEU B 36 21.47 23.18 19.97
C LEU B 36 22.77 23.92 20.31
N ARG B 37 23.12 24.98 19.56
CA ARG B 37 24.32 25.77 19.86
C ARG B 37 24.27 26.42 21.25
N LYS B 38 23.13 26.39 21.95
CA LYS B 38 23.06 26.87 23.33
C LYS B 38 23.70 25.89 24.33
N ASN B 39 24.09 24.70 23.88
CA ASN B 39 25.00 23.84 24.63
C ASN B 39 26.42 24.30 24.40
N LYS B 40 27.20 24.39 25.48
CA LYS B 40 28.59 24.86 25.37
C LYS B 40 29.41 23.91 24.51
N ASN B 41 29.42 22.63 24.85
CA ASN B 41 30.10 21.60 24.07
C ASN B 41 29.82 21.73 22.59
N ILE B 42 28.53 21.85 22.22
CA ILE B 42 28.18 21.90 20.80
C ILE B 42 28.70 23.18 20.16
N ASP B 43 28.66 24.29 20.90
CA ASP B 43 29.11 25.57 20.38
C ASP B 43 30.63 25.59 20.23
N ASN B 44 31.33 25.13 21.27
CA ASN B 44 32.79 25.06 21.21
C ASN B 44 33.25 24.19 20.06
N PHE B 45 32.58 23.06 19.82
CA PHE B 45 32.96 22.20 18.70
C PHE B 45 32.70 22.91 17.36
N LEU B 46 31.44 23.32 17.13
CA LEU B 46 31.07 23.99 15.89
C LEU B 46 31.92 25.21 15.63
N ASN B 47 32.47 25.82 16.67
CA ASN B 47 33.42 26.91 16.48
C ASN B 47 34.71 26.41 15.83
N ARG B 48 35.39 25.44 16.48
CA ARG B 48 36.70 25.01 16.02
C ARG B 48 36.64 24.33 14.65
N TYR B 49 35.45 23.90 14.20
CA TYR B 49 35.35 23.02 13.04
C TYR B 49 34.45 23.47 11.91
N GLU B 50 33.57 24.45 12.12
CA GLU B 50 32.60 24.79 11.06
C GLU B 50 33.28 25.41 9.84
N LYS B 51 34.21 26.36 10.04
CA LYS B 51 34.89 26.97 8.89
C LYS B 51 35.59 25.92 8.08
N ILE B 52 36.36 25.03 8.74
CA ILE B 52 37.08 23.96 8.04
C ILE B 52 36.08 22.99 7.42
N VAL B 53 35.05 22.62 8.17
CA VAL B 53 34.11 21.64 7.67
C VAL B 53 33.38 22.19 6.45
N LYS B 54 32.91 23.44 6.53
CA LYS B 54 32.21 24.04 5.39
C LYS B 54 33.11 24.10 4.16
N LYS B 55 34.38 24.47 4.34
CA LYS B 55 35.37 24.49 3.24
C LYS B 55 35.59 23.10 2.67
N ILE B 56 35.74 22.10 3.55
CA ILE B 56 35.80 20.69 3.13
C ILE B 56 34.61 20.39 2.23
N ARG B 57 33.41 20.75 2.69
CA ARG B 57 32.19 20.57 1.90
C ARG B 57 32.34 21.11 0.48
N GLY B 58 33.18 22.13 0.31
CA GLY B 58 33.33 22.76 -1.00
C GLY B 58 34.05 21.93 -2.04
N LEU B 59 34.97 21.08 -1.61
CA LEU B 59 35.77 20.26 -2.52
C LEU B 59 35.04 18.98 -2.92
N GLN B 60 33.99 18.61 -2.17
CA GLN B 60 33.27 17.37 -2.44
C GLN B 60 32.40 17.50 -3.68
N MET B 61 32.26 16.39 -4.40
CA MET B 61 31.38 16.33 -5.54
C MET B 61 29.99 16.82 -5.19
N LYS B 62 29.39 17.62 -6.06
CA LYS B 62 28.08 18.18 -5.79
C LYS B 62 27.20 18.04 -7.03
N ALA B 63 25.89 18.02 -6.80
CA ALA B 63 24.94 17.87 -7.90
C ALA B 63 25.16 18.91 -8.97
N GLU B 64 25.76 20.03 -8.59
CA GLU B 64 25.96 21.15 -9.50
C GLU B 64 27.00 20.86 -10.58
N ASP B 65 27.82 19.82 -10.42
CA ASP B 65 28.80 19.49 -11.46
C ASP B 65 28.17 18.72 -12.61
N TYR B 66 26.86 18.49 -12.59
CA TYR B 66 26.19 17.63 -13.56
C TYR B 66 25.04 18.38 -14.20
N ASP B 67 25.07 18.52 -15.53
CA ASP B 67 23.91 18.94 -16.30
C ASP B 67 22.82 17.88 -16.25
N VAL B 68 21.60 18.28 -16.02
CA VAL B 68 20.51 17.32 -15.94
C VAL B 68 19.80 17.33 -17.29
N VAL B 69 19.82 16.19 -17.98
CA VAL B 69 19.38 16.08 -19.37
C VAL B 69 17.93 15.61 -19.48
N LYS B 70 17.56 14.55 -18.75
CA LYS B 70 16.19 14.03 -18.79
C LYS B 70 15.99 13.11 -17.59
N VAL B 71 14.80 13.16 -17.01
CA VAL B 71 14.45 12.19 -15.98
C VAL B 71 13.95 10.93 -16.66
N ILE B 72 14.61 9.82 -16.40
CA ILE B 72 14.33 8.57 -17.09
C ILE B 72 13.85 7.49 -16.15
N GLY B 73 13.57 7.82 -14.89
CA GLY B 73 13.02 6.83 -14.00
C GLY B 73 12.73 7.41 -12.64
N ARG B 74 11.52 7.20 -12.12
CA ARG B 74 11.19 7.59 -10.76
C ARG B 74 11.16 6.35 -9.87
N GLY B 75 10.86 6.57 -8.61
CA GLY B 75 10.89 5.51 -7.62
C GLY B 75 10.28 6.02 -6.35
N ALA B 76 10.25 5.15 -5.35
CA ALA B 76 9.56 5.48 -4.10
C ALA B 76 10.17 6.70 -3.44
N PHE B 77 11.49 6.72 -3.29
CA PHE B 77 12.17 7.77 -2.55
C PHE B 77 13.07 8.64 -3.44
N GLY B 78 12.82 8.68 -4.74
CA GLY B 78 13.58 9.58 -5.58
C GLY B 78 13.39 9.27 -7.05
N GLU B 79 14.33 9.75 -7.85
CA GLU B 79 14.27 9.60 -9.29
C GLU B 79 15.66 9.23 -9.80
N VAL B 80 15.72 8.88 -11.08
CA VAL B 80 16.95 8.54 -11.78
C VAL B 80 17.07 9.50 -12.94
N GLN B 81 18.06 10.37 -12.90
CA GLN B 81 18.27 11.29 -14.01
C GLN B 81 19.37 10.78 -14.91
N LEU B 82 19.19 11.02 -16.21
CA LEU B 82 20.28 11.02 -17.18
C LEU B 82 21.03 12.34 -17.02
N VAL B 83 22.35 12.27 -16.81
CA VAL B 83 23.15 13.45 -16.53
C VAL B 83 24.42 13.44 -17.36
N ARG B 84 24.97 14.63 -17.56
CA ARG B 84 26.28 14.82 -18.14
C ARG B 84 27.18 15.55 -17.16
N HIS B 85 28.34 14.96 -16.87
CA HIS B 85 29.34 15.65 -16.05
C HIS B 85 29.79 16.90 -16.78
N LYS B 86 29.67 18.05 -16.12
CA LYS B 86 29.96 19.31 -16.80
C LYS B 86 31.41 19.38 -17.25
N ALA B 87 32.36 19.08 -16.35
CA ALA B 87 33.77 19.23 -16.68
C ALA B 87 34.22 18.22 -17.73
N SER B 88 33.72 16.99 -17.67
CA SER B 88 34.20 15.93 -18.54
C SER B 88 33.30 15.66 -19.72
N GLN B 89 32.07 16.19 -19.71
CA GLN B 89 31.05 16.01 -20.75
C GLN B 89 30.62 14.56 -20.93
N LYS B 90 31.15 13.65 -20.10
CA LYS B 90 30.75 12.24 -20.12
C LYS B 90 29.38 12.05 -19.49
N VAL B 91 28.66 11.03 -19.93
CA VAL B 91 27.23 10.86 -19.64
C VAL B 91 27.04 9.72 -18.68
N TYR B 92 26.23 9.94 -17.66
CA TYR B 92 25.95 8.89 -16.68
C TYR B 92 24.45 8.83 -16.37
N ALA B 93 24.06 7.78 -15.66
CA ALA B 93 22.78 7.74 -14.98
C ALA B 93 23.03 8.03 -13.51
N MET B 94 22.19 8.88 -12.91
CA MET B 94 22.39 9.28 -11.52
C MET B 94 21.12 8.97 -10.75
N LYS B 95 21.17 8.01 -9.84
CA LYS B 95 20.05 7.77 -8.96
C LYS B 95 20.08 8.77 -7.81
N LEU B 96 18.90 9.27 -7.41
CA LEU B 96 18.78 10.20 -6.30
C LEU B 96 17.78 9.66 -5.28
N LEU B 97 18.21 9.52 -4.04
CA LEU B 97 17.31 9.14 -2.97
C LEU B 97 17.10 10.34 -2.06
N SER B 98 15.84 10.61 -1.71
CA SER B 98 15.50 11.79 -0.90
C SER B 98 15.69 11.46 0.58
N LYS B 99 16.57 12.22 1.26
CA LYS B 99 16.78 11.97 2.68
C LYS B 99 15.52 12.25 3.50
N PHE B 100 14.80 13.32 3.18
CA PHE B 100 13.58 13.60 3.92
C PHE B 100 12.62 12.42 3.85
N GLU B 101 12.33 11.92 2.65
CA GLU B 101 11.37 10.84 2.50
C GLU B 101 11.87 9.53 3.11
N MET B 102 13.18 9.27 3.02
CA MET B 102 13.71 8.03 3.58
C MET B 102 13.62 8.03 5.10
N ILE B 103 13.99 9.15 5.73
CA ILE B 103 13.87 9.28 7.17
C ILE B 103 12.39 9.20 7.56
N LYS B 104 11.52 9.89 6.80
CA LYS B 104 10.09 9.95 7.11
C LYS B 104 9.42 8.60 6.93
N ARG B 105 9.70 7.89 5.84
CA ARG B 105 9.04 6.61 5.58
C ARG B 105 9.91 5.48 6.15
N SER B 106 10.45 5.76 7.36
CA SER B 106 11.34 4.94 8.18
C SER B 106 12.63 4.48 7.52
N ASP B 107 12.62 3.26 6.98
CA ASP B 107 13.61 2.77 6.02
C ASP B 107 15.03 3.30 6.28
N SER B 108 15.50 4.22 5.42
CA SER B 108 16.81 4.86 5.51
C SER B 108 17.98 3.86 5.66
N ALA B 109 17.81 2.61 5.21
CA ALA B 109 18.92 1.68 5.16
C ALA B 109 18.96 0.80 3.91
N PHE B 110 18.00 0.90 3.00
CA PHE B 110 17.88 -0.05 1.90
C PHE B 110 19.02 0.05 0.89
N PHE B 111 19.71 1.18 0.87
CA PHE B 111 20.61 1.51 -0.23
C PHE B 111 22.01 0.94 -0.07
N TRP B 112 22.37 0.42 1.11
CA TRP B 112 23.75 0.01 1.35
C TRP B 112 24.20 -1.15 0.46
N GLU B 113 23.37 -2.19 0.31
CA GLU B 113 23.71 -3.28 -0.60
C GLU B 113 23.84 -2.77 -2.01
N GLU B 114 22.87 -1.93 -2.44
CA GLU B 114 22.88 -1.35 -3.77
C GLU B 114 24.20 -0.64 -4.08
N ARG B 115 24.72 0.13 -3.12
CA ARG B 115 26.01 0.80 -3.30
C ARG B 115 27.16 -0.20 -3.39
N ASP B 116 27.28 -1.08 -2.37
CA ASP B 116 28.40 -2.02 -2.32
C ASP B 116 28.47 -2.82 -3.61
N ILE B 117 27.34 -3.37 -4.05
CA ILE B 117 27.35 -4.24 -5.22
C ILE B 117 27.79 -3.46 -6.44
N MET B 118 27.24 -2.26 -6.63
CA MET B 118 27.54 -1.52 -7.85
C MET B 118 28.96 -0.94 -7.86
N ALA B 119 29.58 -0.73 -6.70
CA ALA B 119 30.92 -0.15 -6.70
C ALA B 119 32.03 -1.18 -6.69
N PHE B 120 31.72 -2.43 -6.24
CA PHE B 120 32.72 -3.45 -5.89
C PHE B 120 32.52 -4.80 -6.57
N ALA B 121 31.39 -5.06 -7.20
CA ALA B 121 31.23 -6.34 -7.89
C ALA B 121 32.31 -6.54 -8.95
N ASN B 122 32.69 -5.48 -9.66
CA ASN B 122 33.42 -5.64 -10.92
C ASN B 122 32.96 -6.92 -11.61
N SER B 123 31.68 -6.94 -12.02
CA SER B 123 31.01 -8.00 -12.75
C SER B 123 30.39 -7.45 -14.04
N PRO B 124 30.39 -8.23 -15.12
CA PRO B 124 29.66 -7.81 -16.31
C PRO B 124 28.18 -7.71 -16.09
N TRP B 125 27.66 -8.38 -15.08
CA TRP B 125 26.23 -8.57 -14.93
C TRP B 125 25.63 -7.55 -14.01
N VAL B 126 26.46 -6.66 -13.45
CA VAL B 126 26.05 -5.69 -12.45
C VAL B 126 26.48 -4.29 -12.88
N VAL B 127 25.53 -3.34 -12.82
CA VAL B 127 25.78 -1.95 -13.21
C VAL B 127 26.85 -1.34 -12.33
N GLN B 128 27.83 -0.66 -12.95
CA GLN B 128 29.00 -0.12 -12.27
C GLN B 128 28.74 1.28 -11.69
N LEU B 129 29.00 1.45 -10.39
CA LEU B 129 28.95 2.75 -9.75
C LEU B 129 30.31 3.45 -9.82
N PHE B 130 30.30 4.70 -10.29
CA PHE B 130 31.51 5.49 -10.31
C PHE B 130 31.61 6.43 -9.12
N TYR B 131 30.52 7.11 -8.76
CA TYR B 131 30.51 7.98 -7.61
C TYR B 131 29.23 7.78 -6.82
N ALA B 132 29.39 7.69 -5.51
CA ALA B 132 28.30 7.87 -4.57
C ALA B 132 28.68 9.10 -3.75
N PHE B 133 27.76 10.03 -3.63
CA PHE B 133 28.02 11.20 -2.82
C PHE B 133 26.70 11.66 -2.26
N GLN B 134 26.72 12.73 -1.47
CA GLN B 134 25.51 13.14 -0.78
C GLN B 134 25.59 14.61 -0.42
N ASP B 135 24.43 15.16 -0.06
CA ASP B 135 24.34 16.49 0.55
C ASP B 135 23.20 16.47 1.56
N ASP B 136 22.84 17.65 2.05
CA ASP B 136 21.95 17.73 3.20
C ASP B 136 20.55 17.24 2.87
N ARG B 137 20.14 17.24 1.61
CA ARG B 137 18.80 16.79 1.22
C ARG B 137 18.76 15.43 0.54
N TYR B 138 19.85 14.99 -0.11
CA TYR B 138 19.80 13.90 -1.08
C TYR B 138 21.02 13.00 -1.01
N LEU B 139 20.81 11.76 -1.46
CA LEU B 139 21.85 10.80 -1.79
C LEU B 139 22.01 10.71 -3.30
N TYR B 140 23.24 10.47 -3.76
CA TYR B 140 23.54 10.46 -5.20
C TYR B 140 24.34 9.22 -5.55
N MET B 141 23.90 8.51 -6.60
CA MET B 141 24.67 7.40 -7.17
C MET B 141 24.86 7.64 -8.66
N VAL B 142 26.10 7.84 -9.08
CA VAL B 142 26.43 8.03 -10.49
C VAL B 142 26.95 6.70 -11.03
N MET B 143 26.28 6.21 -12.06
CA MET B 143 26.44 4.85 -12.58
C MET B 143 26.64 4.88 -14.09
N GLU B 144 27.24 3.82 -14.62
CA GLU B 144 27.30 3.69 -16.07
C GLU B 144 25.89 3.64 -16.63
N TYR B 145 25.66 4.35 -17.72
CA TYR B 145 24.31 4.54 -18.25
C TYR B 145 23.94 3.42 -19.21
N MET B 146 22.79 2.79 -18.98
CA MET B 146 22.36 1.67 -19.80
C MET B 146 21.33 2.14 -20.83
N PRO B 147 21.72 2.44 -22.07
CA PRO B 147 20.78 3.09 -22.99
C PRO B 147 19.83 2.12 -23.72
N GLY B 148 19.94 0.82 -23.51
CA GLY B 148 19.01 -0.09 -24.15
C GLY B 148 17.66 -0.19 -23.49
N GLY B 149 17.47 0.37 -22.28
CA GLY B 149 16.21 0.27 -21.56
C GLY B 149 16.08 -0.96 -20.64
N ASP B 150 14.90 -1.12 -20.05
CA ASP B 150 14.65 -2.29 -19.22
C ASP B 150 13.88 -3.35 -20.02
N LEU B 151 13.72 -4.54 -19.41
CA LEU B 151 13.06 -5.62 -20.14
C LEU B 151 11.57 -5.40 -20.21
N VAL B 152 11.03 -4.55 -19.35
CA VAL B 152 9.64 -4.12 -19.49
C VAL B 152 9.44 -3.47 -20.86
N ASN B 153 10.19 -2.39 -21.11
CA ASN B 153 10.11 -1.64 -22.35
C ASN B 153 10.33 -2.54 -23.57
N LEU B 154 11.22 -3.51 -23.47
CA LEU B 154 11.44 -4.40 -24.60
C LEU B 154 10.24 -5.34 -24.79
N MET B 155 9.77 -5.98 -23.72
CA MET B 155 8.57 -6.81 -23.85
C MET B 155 7.37 -6.01 -24.33
N SER B 156 7.31 -4.72 -23.94
CA SER B 156 6.25 -3.81 -24.39
C SER B 156 6.31 -3.52 -25.89
N ASN B 157 7.47 -3.71 -26.54
CA ASN B 157 7.64 -3.30 -27.93
C ASN B 157 7.95 -4.48 -28.85
N TYR B 158 7.82 -5.74 -28.40
CA TYR B 158 8.08 -6.87 -29.30
C TYR B 158 7.18 -8.06 -28.95
N ASP B 159 6.81 -8.82 -29.99
CA ASP B 159 6.22 -10.16 -29.80
C ASP B 159 7.39 -11.11 -29.60
N VAL B 160 7.67 -11.42 -28.33
CA VAL B 160 8.92 -12.09 -27.96
C VAL B 160 8.94 -13.56 -28.35
N PRO B 161 9.86 -13.93 -29.22
CA PRO B 161 10.01 -15.32 -29.65
C PRO B 161 10.91 -16.09 -28.71
N GLU B 162 10.59 -17.37 -28.55
CA GLU B 162 11.27 -18.18 -27.55
C GLU B 162 12.78 -18.14 -27.70
N LYS B 163 13.30 -17.97 -28.93
CA LYS B 163 14.74 -17.79 -29.11
C LYS B 163 15.24 -16.65 -28.24
N TRP B 164 14.54 -15.51 -28.28
CA TRP B 164 14.91 -14.36 -27.44
C TRP B 164 14.81 -14.70 -25.96
N ALA B 165 13.65 -15.23 -25.54
CA ALA B 165 13.47 -15.58 -24.13
C ALA B 165 14.56 -16.54 -23.67
N LYS B 166 14.94 -17.50 -24.52
CA LYS B 166 16.05 -18.38 -24.19
C LYS B 166 17.31 -17.59 -23.87
N PHE B 167 17.61 -16.56 -24.66
CA PHE B 167 18.79 -15.74 -24.42
C PHE B 167 18.63 -14.91 -23.15
N TYR B 168 17.54 -14.16 -23.07
CA TYR B 168 17.37 -13.26 -21.93
C TYR B 168 17.31 -14.04 -20.62
N THR B 169 16.59 -15.16 -20.62
CA THR B 169 16.51 -15.93 -19.37
C THR B 169 17.90 -16.34 -18.88
N ALA B 170 18.73 -16.88 -19.78
CA ALA B 170 20.05 -17.35 -19.36
C ALA B 170 20.92 -16.24 -18.77
N GLU B 171 20.94 -15.07 -19.42
CA GLU B 171 21.73 -13.94 -18.91
C GLU B 171 21.25 -13.51 -17.53
N VAL B 172 19.95 -13.59 -17.27
CA VAL B 172 19.43 -13.33 -15.93
C VAL B 172 19.92 -14.38 -14.95
N VAL B 173 19.99 -15.64 -15.38
CA VAL B 173 20.48 -16.72 -14.52
C VAL B 173 21.94 -16.45 -14.15
N LEU B 174 22.76 -16.16 -15.16
CA LEU B 174 24.15 -15.82 -14.92
C LEU B 174 24.30 -14.61 -14.02
N ALA B 175 23.43 -13.61 -14.17
CA ALA B 175 23.48 -12.43 -13.32
C ALA B 175 23.08 -12.76 -11.88
N LEU B 176 21.97 -13.48 -11.71
CA LEU B 176 21.56 -13.88 -10.36
C LEU B 176 22.62 -14.76 -9.69
N ASP B 177 23.22 -15.66 -10.46
CA ASP B 177 24.25 -16.51 -9.87
C ASP B 177 25.45 -15.68 -9.44
N ALA B 178 25.86 -14.70 -10.28
CA ALA B 178 26.93 -13.79 -9.89
C ALA B 178 26.57 -13.06 -8.60
N ILE B 179 25.38 -12.45 -8.57
CA ILE B 179 24.89 -11.80 -7.36
C ILE B 179 24.93 -12.77 -6.19
N HIS B 180 24.56 -14.03 -6.44
CA HIS B 180 24.58 -15.03 -5.39
C HIS B 180 26.00 -15.27 -4.88
N SER B 181 26.92 -15.57 -5.79
CA SER B 181 28.27 -15.90 -5.35
C SER B 181 28.96 -14.76 -4.62
N MET B 182 28.41 -13.54 -4.65
CA MET B 182 28.88 -12.45 -3.80
C MET B 182 28.24 -12.47 -2.42
N GLY B 183 27.44 -13.50 -2.12
CA GLY B 183 26.83 -13.66 -0.82
C GLY B 183 25.42 -13.14 -0.67
N LEU B 184 24.77 -12.71 -1.76
CA LEU B 184 23.54 -11.94 -1.69
C LEU B 184 22.36 -12.67 -2.32
N ILE B 185 21.20 -12.55 -1.70
CA ILE B 185 19.94 -13.00 -2.26
C ILE B 185 19.17 -11.77 -2.68
N HIS B 186 18.72 -11.77 -3.93
CA HIS B 186 17.90 -10.71 -4.52
C HIS B 186 16.45 -11.18 -4.44
N ARG B 187 15.71 -10.75 -3.42
CA ARG B 187 14.44 -11.45 -3.21
C ARG B 187 13.37 -11.08 -4.25
N ASP B 188 13.60 -10.03 -5.05
CA ASP B 188 12.58 -9.38 -5.89
C ASP B 188 13.14 -9.03 -7.27
N VAL B 189 13.37 -10.04 -8.08
CA VAL B 189 14.00 -9.88 -9.39
C VAL B 189 12.91 -9.59 -10.40
N LYS B 190 12.81 -8.34 -10.84
CA LYS B 190 11.78 -8.00 -11.81
C LYS B 190 12.38 -7.43 -13.10
N PRO B 191 11.63 -7.47 -14.22
CA PRO B 191 12.14 -6.87 -15.46
C PRO B 191 12.43 -5.41 -15.36
N ASP B 192 11.87 -4.71 -14.37
CA ASP B 192 12.30 -3.36 -14.03
C ASP B 192 13.77 -3.36 -13.62
N ASN B 193 14.27 -4.49 -13.11
CA ASN B 193 15.62 -4.56 -12.59
C ASN B 193 16.61 -5.05 -13.63
N MET B 194 16.16 -5.38 -14.84
CA MET B 194 17.02 -5.89 -15.91
C MET B 194 17.22 -4.80 -16.95
N LEU B 195 18.45 -4.32 -17.10
CA LEU B 195 18.73 -3.24 -18.04
C LEU B 195 19.66 -3.72 -19.15
N LEU B 196 19.56 -3.09 -20.32
CA LEU B 196 20.32 -3.47 -21.52
C LEU B 196 21.34 -2.37 -21.87
N ASP B 197 22.59 -2.76 -22.11
CA ASP B 197 23.67 -1.81 -22.29
C ASP B 197 23.76 -1.42 -23.77
N LYS B 198 24.83 -0.70 -24.14
CA LYS B 198 24.99 -0.24 -25.53
C LYS B 198 24.82 -1.40 -26.51
N HIS B 199 25.27 -2.60 -26.13
CA HIS B 199 25.28 -3.74 -27.04
C HIS B 199 24.10 -4.66 -26.87
N GLY B 200 23.15 -4.30 -26.03
CA GLY B 200 21.97 -5.12 -25.89
C GLY B 200 22.08 -6.28 -24.92
N HIS B 201 23.01 -6.22 -23.96
CA HIS B 201 23.19 -7.26 -22.98
C HIS B 201 22.72 -6.82 -21.60
N LEU B 202 22.34 -7.81 -20.79
CA LEU B 202 21.63 -7.63 -19.53
C LEU B 202 22.56 -7.22 -18.39
N LYS B 203 22.07 -6.30 -17.54
CA LYS B 203 22.75 -5.92 -16.31
C LYS B 203 21.69 -5.65 -15.27
N LEU B 204 21.92 -6.13 -14.04
CA LEU B 204 20.96 -5.90 -12.97
C LEU B 204 21.16 -4.51 -12.36
N ALA B 205 20.08 -3.94 -11.73
CA ALA B 205 20.21 -2.57 -11.26
C ALA B 205 19.53 -2.21 -9.95
N ASP B 206 18.40 -2.75 -9.58
CA ASP B 206 17.77 -2.23 -8.37
C ASP B 206 17.94 -3.23 -7.24
N PHE B 207 19.00 -3.05 -6.46
CA PHE B 207 19.26 -3.97 -5.35
C PHE B 207 18.60 -3.52 -4.05
N GLY B 208 17.61 -2.64 -4.13
CA GLY B 208 16.81 -2.28 -2.99
C GLY B 208 16.37 -3.43 -2.09
N THR B 209 16.11 -4.61 -2.66
CA THR B 209 15.60 -5.74 -1.88
C THR B 209 16.68 -6.76 -1.58
N CYS B 210 17.95 -6.37 -1.68
CA CYS B 210 19.01 -7.35 -1.56
C CYS B 210 19.29 -7.71 -0.11
N MET B 211 19.66 -8.96 0.09
CA MET B 211 19.86 -9.51 1.43
C MET B 211 21.14 -10.32 1.46
N LYS B 212 22.01 -10.04 2.45
CA LYS B 212 23.21 -10.83 2.65
C LYS B 212 22.86 -12.12 3.37
N MET B 213 23.46 -13.23 2.96
CA MET B 213 23.18 -14.55 3.54
C MET B 213 23.94 -14.75 4.85
N ASP B 214 23.53 -15.80 5.59
CA ASP B 214 24.21 -16.31 6.77
C ASP B 214 25.30 -17.30 6.35
N GLU B 215 25.94 -17.95 7.34
CA GLU B 215 26.94 -18.95 6.97
C GLU B 215 26.26 -20.18 6.40
N THR B 216 25.02 -20.47 6.83
CA THR B 216 24.27 -21.60 6.31
C THR B 216 23.77 -21.38 4.89
N GLY B 217 23.88 -20.17 4.36
CA GLY B 217 23.32 -19.89 3.07
C GLY B 217 21.84 -19.55 3.11
N MET B 218 21.33 -19.07 4.26
CA MET B 218 19.93 -18.76 4.46
C MET B 218 19.75 -17.29 4.84
N VAL B 219 18.50 -16.83 4.78
CA VAL B 219 18.11 -15.53 5.31
C VAL B 219 16.83 -15.69 6.14
N HIS B 220 16.73 -14.86 7.18
CA HIS B 220 15.58 -14.88 8.08
C HIS B 220 14.91 -13.48 8.24
N THR B 223 12.77 -8.97 6.62
CA THR B 223 13.12 -7.60 6.21
C THR B 223 11.94 -6.75 5.65
N ALA B 224 11.89 -6.44 4.34
CA ALA B 224 10.75 -5.67 3.81
C ALA B 224 10.66 -5.54 2.29
N VAL B 225 9.59 -6.06 1.68
CA VAL B 225 9.44 -6.08 0.23
C VAL B 225 8.19 -5.32 -0.20
N GLY B 226 8.26 -4.84 -1.43
CA GLY B 226 7.23 -4.08 -2.11
C GLY B 226 6.08 -4.89 -2.64
N THR B 227 5.74 -4.62 -3.90
CA THR B 227 4.69 -5.36 -4.60
C THR B 227 5.08 -6.83 -4.78
N PRO B 228 4.13 -7.75 -4.65
CA PRO B 228 4.46 -9.18 -4.57
C PRO B 228 4.71 -9.87 -5.90
N ASP B 229 4.27 -9.28 -7.02
CA ASP B 229 4.15 -9.95 -8.30
C ASP B 229 5.29 -10.87 -8.67
N TYR B 230 6.50 -10.63 -8.16
CA TYR B 230 7.60 -11.50 -8.49
C TYR B 230 8.18 -12.20 -7.28
N ILE B 231 7.89 -11.75 -6.06
CA ILE B 231 8.41 -12.40 -4.86
C ILE B 231 7.86 -13.83 -4.78
N SER B 232 8.75 -14.78 -4.45
CA SER B 232 8.38 -16.17 -4.32
C SER B 232 7.54 -16.37 -3.06
N PRO B 233 6.80 -17.50 -2.97
CA PRO B 233 5.90 -17.67 -1.81
C PRO B 233 6.60 -17.76 -0.45
N GLU B 234 7.85 -18.24 -0.39
CA GLU B 234 8.55 -18.34 0.90
C GLU B 234 8.99 -16.97 1.40
N VAL B 235 9.48 -16.10 0.49
CA VAL B 235 9.83 -14.73 0.86
C VAL B 235 8.63 -14.02 1.45
N LEU B 236 7.47 -14.15 0.79
CA LEU B 236 6.22 -13.58 1.29
C LEU B 236 5.83 -14.15 2.65
N LYS B 237 5.94 -15.47 2.82
CA LYS B 237 5.63 -16.06 4.12
C LYS B 237 6.70 -15.67 5.15
N SER B 238 7.96 -15.49 4.73
CA SER B 238 8.99 -15.08 5.69
C SER B 238 8.79 -13.66 6.20
N GLN B 239 8.13 -12.79 5.40
CA GLN B 239 7.89 -11.42 5.83
C GLN B 239 7.05 -11.39 7.10
N GLY B 240 6.33 -12.46 7.42
CA GLY B 240 5.48 -12.51 8.60
C GLY B 240 5.99 -13.39 9.73
N GLY B 241 7.29 -13.71 9.73
CA GLY B 241 7.79 -14.70 10.67
C GLY B 241 7.46 -16.10 10.19
N ASP B 242 8.09 -17.09 10.82
CA ASP B 242 8.07 -18.45 10.29
C ASP B 242 8.49 -18.39 8.82
N GLY B 243 9.72 -17.89 8.64
CA GLY B 243 10.42 -17.82 7.38
C GLY B 243 11.94 -17.89 7.47
N PHE B 244 12.47 -18.96 6.86
CA PHE B 244 13.87 -19.10 6.52
C PHE B 244 13.83 -19.45 5.05
N TYR B 245 14.48 -18.65 4.21
CA TYR B 245 14.58 -18.97 2.79
C TYR B 245 16.02 -18.88 2.34
N GLY B 246 16.30 -19.55 1.23
CA GLY B 246 17.64 -19.50 0.67
C GLY B 246 17.65 -18.89 -0.70
N ARG B 247 18.80 -18.97 -1.36
CA ARG B 247 18.94 -18.30 -2.65
C ARG B 247 18.04 -18.85 -3.73
N GLU B 248 17.42 -20.02 -3.53
CA GLU B 248 16.57 -20.58 -4.58
C GLU B 248 15.32 -19.73 -4.83
N CYS B 249 15.01 -18.80 -3.92
CA CYS B 249 13.86 -17.92 -4.13
C CYS B 249 14.02 -17.05 -5.37
N ASP B 250 15.23 -16.88 -5.88
CA ASP B 250 15.40 -16.09 -7.09
C ASP B 250 14.96 -16.84 -8.33
N TRP B 251 15.24 -18.15 -8.40
CA TRP B 251 14.84 -18.90 -9.59
C TRP B 251 13.32 -18.89 -9.76
N TRP B 252 12.57 -18.81 -8.64
CA TRP B 252 11.13 -18.60 -8.74
C TRP B 252 10.85 -17.38 -9.58
N SER B 253 11.57 -16.28 -9.31
CA SER B 253 11.32 -15.06 -10.04
C SER B 253 11.66 -15.21 -11.51
N VAL B 254 12.69 -16.00 -11.84
CA VAL B 254 12.98 -16.30 -13.24
C VAL B 254 11.78 -16.94 -13.92
N GLY B 255 11.11 -17.87 -13.23
CA GLY B 255 9.88 -18.44 -13.75
C GLY B 255 8.85 -17.36 -14.09
N VAL B 256 8.57 -16.50 -13.11
CA VAL B 256 7.65 -15.39 -13.35
C VAL B 256 8.07 -14.57 -14.57
N PHE B 257 9.38 -14.44 -14.82
CA PHE B 257 9.90 -13.64 -15.92
C PHE B 257 9.73 -14.32 -17.29
N LEU B 258 10.15 -15.59 -17.41
CA LEU B 258 10.00 -16.32 -18.66
C LEU B 258 8.53 -16.39 -19.06
N TYR B 259 7.65 -16.64 -18.09
CA TYR B 259 6.20 -16.61 -18.33
C TYR B 259 5.78 -15.27 -18.90
N GLU B 260 6.25 -14.17 -18.32
CA GLU B 260 5.75 -12.89 -18.80
C GLU B 260 6.18 -12.64 -20.24
N MET B 261 7.41 -13.01 -20.60
CA MET B 261 7.86 -12.78 -21.97
C MET B 261 7.05 -13.58 -22.97
N LEU B 262 6.77 -14.85 -22.67
CA LEU B 262 6.13 -15.75 -23.62
C LEU B 262 4.63 -15.56 -23.65
N VAL B 263 4.00 -15.41 -22.47
CA VAL B 263 2.55 -15.26 -22.34
C VAL B 263 2.12 -13.82 -22.57
N GLY B 264 2.81 -12.87 -21.95
CA GLY B 264 2.49 -11.45 -22.07
C GLY B 264 1.85 -10.84 -20.84
N ASP B 265 1.57 -11.63 -19.81
CA ASP B 265 1.11 -11.15 -18.52
C ASP B 265 1.76 -12.02 -17.45
N THR B 266 1.91 -11.50 -16.24
CA THR B 266 2.55 -12.29 -15.17
C THR B 266 1.60 -13.38 -14.64
N PRO B 267 2.14 -14.55 -14.24
CA PRO B 267 1.26 -15.70 -13.95
C PRO B 267 0.30 -15.50 -12.77
N PHE B 268 0.55 -14.55 -11.88
CA PHE B 268 -0.34 -14.39 -10.73
C PHE B 268 -0.87 -12.95 -10.65
N TYR B 269 -1.01 -12.32 -11.81
CA TYR B 269 -1.57 -10.98 -11.86
C TYR B 269 -2.96 -10.92 -11.22
N ALA B 270 -3.26 -9.79 -10.58
CA ALA B 270 -4.59 -9.57 -10.02
C ALA B 270 -4.81 -8.07 -9.80
N ASP B 271 -6.09 -7.67 -9.89
CA ASP B 271 -6.49 -6.27 -9.70
C ASP B 271 -6.02 -5.72 -8.35
N SER B 272 -5.87 -6.59 -7.38
CA SER B 272 -5.53 -6.21 -6.03
C SER B 272 -4.16 -6.76 -5.62
N LEU B 273 -3.67 -6.23 -4.49
CA LEU B 273 -2.49 -6.80 -3.84
C LEU B 273 -2.83 -8.13 -3.18
N VAL B 274 -3.88 -8.14 -2.34
CA VAL B 274 -4.33 -9.35 -1.66
C VAL B 274 -4.57 -10.45 -2.66
N GLY B 275 -5.12 -10.07 -3.82
CA GLY B 275 -5.40 -11.04 -4.86
C GLY B 275 -4.14 -11.69 -5.37
N THR B 276 -3.18 -10.86 -5.81
CA THR B 276 -1.91 -11.40 -6.28
C THR B 276 -1.28 -12.28 -5.21
N TYR B 277 -1.23 -11.77 -3.97
CA TYR B 277 -0.75 -12.56 -2.83
C TYR B 277 -1.48 -13.89 -2.74
N SER B 278 -2.81 -13.87 -2.80
CA SER B 278 -3.56 -15.12 -2.69
C SER B 278 -3.17 -16.07 -3.81
N LYS B 279 -3.12 -15.57 -5.04
CA LYS B 279 -2.86 -16.43 -6.19
C LYS B 279 -1.47 -17.05 -6.09
N ILE B 280 -0.51 -16.31 -5.53
CA ILE B 280 0.87 -16.78 -5.42
C ILE B 280 0.94 -17.97 -4.44
N MET B 281 0.54 -17.77 -3.18
CA MET B 281 0.61 -18.86 -2.21
C MET B 281 -0.16 -20.08 -2.69
N ASP B 282 -1.31 -19.85 -3.32
CA ASP B 282 -2.11 -20.90 -3.95
C ASP B 282 -1.66 -21.15 -5.39
N HIS B 283 -0.36 -21.32 -5.58
CA HIS B 283 0.13 -21.46 -6.95
C HIS B 283 -0.13 -22.85 -7.50
N LYS B 284 -0.26 -23.85 -6.61
CA LYS B 284 -0.53 -25.22 -7.07
C LYS B 284 -1.81 -25.26 -7.90
N ASN B 285 -2.82 -24.52 -7.48
CA ASN B 285 -4.10 -24.50 -8.18
C ASN B 285 -4.24 -23.34 -9.17
N SER B 286 -3.38 -22.31 -9.10
CA SER B 286 -3.62 -21.08 -9.85
C SER B 286 -2.75 -20.89 -11.09
N LEU B 287 -1.60 -21.56 -11.18
CA LEU B 287 -0.80 -21.42 -12.40
C LEU B 287 -1.46 -22.21 -13.52
N CYS B 288 -1.87 -21.53 -14.58
CA CYS B 288 -2.34 -22.21 -15.78
C CYS B 288 -2.13 -21.31 -16.98
N PHE B 289 -1.69 -21.88 -18.04
CA PHE B 289 -1.41 -21.08 -19.22
C PHE B 289 -2.67 -20.87 -20.06
N PRO B 290 -2.77 -19.72 -20.73
CA PRO B 290 -3.88 -19.50 -21.66
C PRO B 290 -3.86 -20.53 -22.78
N GLU B 291 -5.05 -21.08 -23.10
CA GLU B 291 -5.13 -22.14 -24.10
C GLU B 291 -4.52 -21.74 -25.44
N ASP B 292 -4.54 -20.43 -25.75
CA ASP B 292 -4.01 -19.86 -26.99
C ASP B 292 -2.61 -19.30 -26.82
N ALA B 293 -1.77 -20.03 -26.10
CA ALA B 293 -0.49 -19.50 -25.67
C ALA B 293 0.53 -19.52 -26.78
N GLU B 294 0.70 -20.68 -27.43
CA GLU B 294 1.84 -20.96 -28.29
C GLU B 294 3.13 -20.93 -27.44
N ILE B 295 3.07 -21.66 -26.33
CA ILE B 295 4.22 -21.95 -25.50
C ILE B 295 4.72 -23.33 -25.89
N SER B 296 6.02 -23.47 -26.05
CA SER B 296 6.59 -24.77 -26.41
C SER B 296 6.50 -25.77 -25.23
N LYS B 297 6.79 -27.03 -25.54
CA LYS B 297 6.77 -28.07 -24.51
C LYS B 297 7.74 -27.73 -23.40
N HIS B 298 9.02 -27.49 -23.74
CA HIS B 298 10.04 -27.23 -22.74
C HIS B 298 9.82 -25.91 -22.00
N ALA B 299 9.17 -24.93 -22.66
CA ALA B 299 8.94 -23.64 -22.00
C ALA B 299 7.93 -23.78 -20.88
N LYS B 300 6.71 -24.26 -21.19
CA LYS B 300 5.79 -24.53 -20.11
C LYS B 300 6.47 -25.43 -19.08
N ASN B 301 7.35 -26.32 -19.54
CA ASN B 301 8.05 -27.22 -18.64
C ASN B 301 8.94 -26.45 -17.66
N LEU B 302 9.90 -25.67 -18.20
CA LEU B 302 10.81 -24.85 -17.39
C LEU B 302 10.07 -23.91 -16.46
N ILE B 303 9.03 -23.24 -16.97
CA ILE B 303 8.25 -22.32 -16.16
C ILE B 303 7.64 -23.04 -14.96
N CYS B 304 7.17 -24.27 -15.16
CA CYS B 304 6.60 -25.03 -14.05
C CYS B 304 7.68 -25.54 -13.08
N ALA B 305 8.85 -25.89 -13.59
CA ALA B 305 9.94 -26.37 -12.73
C ALA B 305 10.44 -25.27 -11.81
N PHE B 306 10.35 -24.00 -12.24
CA PHE B 306 10.72 -22.86 -11.42
C PHE B 306 9.59 -22.48 -10.47
N LEU B 307 8.37 -22.42 -11.00
CA LEU B 307 7.22 -21.94 -10.25
C LEU B 307 6.62 -23.08 -9.42
N THR B 308 7.44 -23.64 -8.53
CA THR B 308 6.96 -24.64 -7.57
C THR B 308 7.51 -24.33 -6.19
N ASP B 309 7.12 -25.18 -5.25
CA ASP B 309 7.57 -25.04 -3.88
C ASP B 309 9.07 -25.19 -3.80
N ARG B 310 9.66 -24.67 -2.71
CA ARG B 310 11.11 -24.55 -2.64
C ARG B 310 11.80 -25.91 -2.73
N GLU B 311 11.24 -26.93 -2.07
CA GLU B 311 11.91 -28.22 -2.00
C GLU B 311 12.04 -28.90 -3.37
N VAL B 312 11.09 -28.65 -4.28
CA VAL B 312 11.07 -29.29 -5.58
C VAL B 312 11.32 -28.30 -6.71
N ARG B 313 11.78 -27.10 -6.39
CA ARG B 313 11.99 -26.08 -7.40
C ARG B 313 13.29 -26.35 -8.12
N LEU B 314 13.24 -26.32 -9.45
CA LEU B 314 14.45 -26.47 -10.25
C LEU B 314 15.49 -25.46 -9.80
N GLY B 315 16.73 -25.94 -9.61
CA GLY B 315 17.79 -25.12 -9.04
C GLY B 315 17.94 -25.25 -7.55
N ARG B 316 17.15 -26.11 -6.89
CA ARG B 316 17.38 -26.39 -5.49
C ARG B 316 18.84 -26.83 -5.27
N ASN B 317 19.35 -27.71 -6.13
CA ASN B 317 20.67 -28.28 -5.90
C ASN B 317 21.79 -27.35 -6.31
N GLY B 318 21.57 -26.55 -7.35
CA GLY B 318 22.60 -25.66 -7.86
C GLY B 318 22.17 -25.09 -9.18
N VAL B 319 23.01 -24.20 -9.70
CA VAL B 319 22.68 -23.52 -10.94
C VAL B 319 22.87 -24.45 -12.13
N GLU B 320 23.69 -25.50 -11.97
CA GLU B 320 24.06 -26.31 -13.13
C GLU B 320 22.86 -27.02 -13.76
N GLU B 321 21.85 -27.39 -12.96
CA GLU B 321 20.70 -28.09 -13.51
C GLU B 321 19.67 -27.16 -14.10
N ILE B 322 19.85 -25.85 -13.96
CA ILE B 322 19.09 -24.90 -14.75
C ILE B 322 19.75 -24.73 -16.11
N ARG B 323 21.10 -24.78 -16.14
CA ARG B 323 21.82 -24.61 -17.40
C ARG B 323 21.53 -25.75 -18.36
N GLN B 324 21.37 -26.97 -17.84
CA GLN B 324 21.24 -28.16 -18.67
C GLN B 324 19.79 -28.52 -19.00
N HIS B 325 18.83 -27.66 -18.65
CA HIS B 325 17.45 -27.84 -19.07
C HIS B 325 17.32 -27.68 -20.58
N PRO B 326 16.50 -28.51 -21.22
CA PRO B 326 16.40 -28.47 -22.70
C PRO B 326 15.96 -27.15 -23.30
N PHE B 327 15.17 -26.32 -22.60
CA PHE B 327 14.74 -25.04 -23.19
C PHE B 327 15.93 -24.21 -23.68
N PHE B 328 17.10 -24.40 -23.07
CA PHE B 328 18.26 -23.58 -23.38
C PHE B 328 19.13 -24.17 -24.48
N LYS B 329 18.72 -25.28 -25.10
CA LYS B 329 19.50 -25.83 -26.21
C LYS B 329 19.35 -24.89 -27.41
N ASN B 330 20.46 -24.54 -28.05
CA ASN B 330 20.33 -23.62 -29.19
C ASN B 330 21.62 -23.60 -30.00
N ASP B 331 21.44 -23.31 -31.29
CA ASP B 331 22.56 -23.18 -32.22
C ASP B 331 23.05 -21.74 -32.30
N GLN B 332 23.04 -20.99 -31.19
CA GLN B 332 23.36 -19.57 -31.22
C GLN B 332 24.28 -19.06 -30.11
N TRP B 333 24.43 -19.77 -28.97
CA TRP B 333 25.36 -19.38 -27.90
C TRP B 333 25.55 -20.57 -26.95
N HIS B 334 26.59 -20.47 -26.10
CA HIS B 334 26.79 -21.37 -24.98
C HIS B 334 26.68 -20.60 -23.67
N TRP B 335 26.59 -21.35 -22.57
CA TRP B 335 26.43 -20.69 -21.29
C TRP B 335 27.72 -19.98 -20.89
N ASP B 336 28.85 -20.58 -21.24
CA ASP B 336 30.18 -20.08 -20.92
C ASP B 336 30.65 -18.96 -21.86
N ASN B 337 29.86 -18.56 -22.87
CA ASN B 337 30.28 -17.39 -23.65
C ASN B 337 29.15 -16.41 -24.00
N ILE B 338 28.00 -16.44 -23.31
CA ILE B 338 26.83 -15.75 -23.87
C ILE B 338 27.04 -14.25 -24.04
N ARG B 339 27.77 -13.59 -23.12
CA ARG B 339 27.97 -12.15 -23.26
C ARG B 339 28.87 -11.80 -24.44
N GLU B 340 29.55 -12.78 -25.03
CA GLU B 340 30.35 -12.58 -26.23
C GLU B 340 29.57 -12.80 -27.51
N THR B 341 28.41 -13.43 -27.46
CA THR B 341 27.59 -13.61 -28.66
C THR B 341 26.71 -12.39 -28.88
N ALA B 342 26.08 -12.35 -30.05
CA ALA B 342 25.22 -11.23 -30.40
C ALA B 342 23.90 -11.36 -29.66
N ALA B 343 23.39 -10.20 -29.19
CA ALA B 343 22.15 -10.03 -28.45
C ALA B 343 20.99 -9.92 -29.42
N PRO B 344 19.79 -10.36 -29.01
CA PRO B 344 18.65 -10.34 -29.93
C PRO B 344 18.28 -8.95 -30.42
N VAL B 345 18.40 -7.95 -29.55
CA VAL B 345 18.01 -6.58 -29.83
C VAL B 345 19.17 -5.67 -29.47
N VAL B 346 19.76 -5.01 -30.45
CA VAL B 346 20.85 -4.08 -30.18
C VAL B 346 20.37 -2.66 -30.45
N PRO B 347 20.46 -1.75 -29.50
CA PRO B 347 19.81 -0.44 -29.66
C PRO B 347 20.53 0.43 -30.67
N GLU B 348 19.74 1.02 -31.57
CA GLU B 348 20.20 2.07 -32.47
C GLU B 348 20.13 3.41 -31.72
N LEU B 349 21.29 3.95 -31.35
CA LEU B 349 21.39 5.15 -30.54
C LEU B 349 21.92 6.31 -31.37
N SER B 350 21.30 7.49 -31.26
CA SER B 350 21.71 8.63 -32.07
C SER B 350 22.79 9.51 -31.42
N SER B 351 22.73 9.71 -30.10
CA SER B 351 23.66 10.58 -29.38
C SER B 351 24.00 9.94 -28.04
N ASP B 352 24.99 10.54 -27.37
CA ASP B 352 25.35 10.08 -26.04
C ASP B 352 24.22 10.28 -25.03
N ILE B 353 23.18 11.05 -25.39
CA ILE B 353 22.06 11.33 -24.49
C ILE B 353 20.73 10.80 -25.04
N ASP B 354 20.79 9.90 -26.03
CA ASP B 354 19.57 9.30 -26.57
C ASP B 354 18.82 8.55 -25.50
N SER B 355 17.66 9.05 -25.10
CA SER B 355 16.81 8.45 -24.06
C SER B 355 15.51 7.94 -24.65
N SER B 356 15.59 7.27 -25.80
CA SER B 356 14.40 6.88 -26.53
C SER B 356 13.83 5.57 -26.02
N ASN B 357 14.68 4.71 -25.48
CA ASN B 357 14.23 3.48 -24.86
C ASN B 357 13.68 3.71 -23.46
N PHE B 358 13.29 4.96 -23.18
CA PHE B 358 12.76 5.37 -21.90
C PHE B 358 11.54 6.27 -22.14
N ASP B 359 10.45 5.93 -21.45
CA ASP B 359 9.30 6.81 -21.40
C ASP B 359 9.60 8.01 -20.51
N ASP B 360 8.66 8.96 -20.50
CA ASP B 360 8.83 10.18 -19.73
C ASP B 360 8.20 10.02 -18.35
N ILE B 361 8.42 10.99 -17.48
CA ILE B 361 8.01 10.95 -16.07
C ILE B 361 7.13 12.16 -15.74
N GLU B 362 6.01 11.93 -15.04
CA GLU B 362 5.09 13.03 -14.71
C GLU B 362 5.56 13.90 -13.54
N GLU B 369 10.22 19.43 -0.78
CA GLU B 369 10.08 19.66 0.65
C GLU B 369 11.31 19.32 1.49
N THR B 370 11.71 20.26 2.35
CA THR B 370 12.94 20.14 3.14
C THR B 370 12.65 19.76 4.59
N PHE B 371 13.71 19.73 5.39
CA PHE B 371 13.66 19.33 6.79
C PHE B 371 13.05 20.42 7.66
N PRO B 372 12.71 20.08 8.90
CA PRO B 372 12.46 21.12 9.91
C PRO B 372 13.73 21.40 10.73
N ILE B 373 13.81 22.62 11.26
CA ILE B 373 14.85 23.00 12.21
C ILE B 373 14.51 22.39 13.57
N PRO B 374 15.39 21.60 14.18
CA PRO B 374 15.02 20.81 15.35
C PRO B 374 15.18 21.52 16.70
N LYS B 375 14.45 21.01 17.68
CA LYS B 375 14.59 21.48 19.05
C LYS B 375 15.89 20.94 19.64
N ALA B 376 16.01 19.64 19.83
CA ALA B 376 17.24 19.04 20.31
C ALA B 376 17.85 18.19 19.20
N PHE B 377 18.92 17.48 19.54
CA PHE B 377 19.67 16.72 18.54
C PHE B 377 18.76 15.68 17.90
N VAL B 378 18.86 15.58 16.57
CA VAL B 378 18.06 14.63 15.79
C VAL B 378 18.93 13.56 15.15
N GLY B 379 20.06 13.95 14.55
CA GLY B 379 20.89 13.01 13.81
C GLY B 379 20.31 12.58 12.48
N ASN B 380 19.69 13.51 11.75
CA ASN B 380 19.12 13.13 10.46
C ASN B 380 20.20 12.77 9.44
N GLN B 381 21.43 13.22 9.63
CA GLN B 381 22.55 12.87 8.76
C GLN B 381 23.35 11.67 9.26
N LEU B 382 23.02 11.13 10.45
CA LEU B 382 23.70 9.92 10.93
C LEU B 382 23.39 8.68 10.08
N PRO B 383 22.12 8.37 9.72
CA PRO B 383 21.86 7.15 8.96
C PRO B 383 22.67 7.03 7.68
N PHE B 384 23.22 8.15 7.22
CA PHE B 384 23.86 8.29 5.93
C PHE B 384 25.37 8.50 6.00
N ILE B 385 25.97 8.44 7.17
CA ILE B 385 27.43 8.50 7.25
C ILE B 385 28.01 7.21 6.68
N GLY B 386 28.98 7.34 5.78
CA GLY B 386 29.63 6.20 5.17
C GLY B 386 29.23 5.92 3.74
N PHE B 387 28.32 6.72 3.20
CA PHE B 387 27.81 6.54 1.85
C PHE B 387 28.79 6.96 0.78
N THR B 388 29.62 7.98 1.03
CA THR B 388 30.49 8.52 0.01
C THR B 388 31.49 7.49 -0.50
N TYR B 389 31.67 7.45 -1.82
CA TYR B 389 32.67 6.60 -2.47
C TYR B 389 33.02 7.21 -3.82
N TYR B 390 34.32 7.20 -4.17
CA TYR B 390 34.82 7.70 -5.45
C TYR B 390 35.75 6.69 -6.12
N ARG B 391 35.35 6.14 -7.27
CA ARG B 391 36.27 5.35 -8.09
C ARG B 391 37.38 6.29 -8.55
CAC YEA C . -20.55 10.17 10.70
CAD YEA C . -19.16 10.32 10.66
CAE YEA C . -18.95 11.45 11.50
CAF YEA C . -18.23 9.46 9.79
CAG YEA C . -16.85 9.62 9.72
CAH YEA C . -16.06 8.80 8.83
CAI YEA C . -16.69 7.86 8.04
CAJ YEA C . -18.10 7.72 8.11
CAK YEA C . -18.85 8.51 8.97
CAL YEA C . -14.63 8.90 8.72
CAM YEA C . -13.95 8.05 7.83
CAO YEA C . -15.92 7.04 7.17
CAP YEA C . -13.92 6.28 6.19
CAQ YEA C . -14.24 6.66 4.76
CAR YEA C . -14.42 7.99 4.45
CAS YEA C . -14.71 8.33 3.14
CAT YEA C . -14.81 7.35 2.15
CAU YEA C . -14.62 6.02 2.47
CAV YEA C . -14.33 5.69 3.79
CAW YEA C . -14.71 4.89 1.40
CAZ YEA C . -15.11 2.37 0.93
CBA YEA C . -17.64 12.15 11.86
FBB YEA C . -16.95 11.32 12.67
FBC YEA C . -17.94 13.28 12.56
FBD YEA C . -16.94 12.47 10.72
FBF YEA C . -14.90 9.64 2.86
NAA YEA C . -20.09 11.86 11.99
NAB YEA C . -21.04 11.09 11.50
NAN YEA C . -14.62 7.16 7.10
NAX YEA C . -15.01 3.52 1.84
OAY YEA C . -14.51 5.15 0.25
OBE YEA C . -16.56 6.10 6.37
CAC YEA D . 21.60 2.71 -14.26
CAD YEA D . 20.20 2.92 -14.44
CAE YEA D . 20.09 3.36 -15.80
CAF YEA D . 19.13 2.70 -13.35
CAG YEA D . 17.76 2.84 -13.58
CAH YEA D . 16.81 2.63 -12.55
CAI YEA D . 17.22 2.28 -11.28
CAJ YEA D . 18.62 2.15 -11.04
CAK YEA D . 19.55 2.34 -12.07
CAL YEA D . 15.41 2.76 -12.76
CAM YEA D . 14.54 2.54 -11.69
CAO YEA D . 16.27 2.07 -10.23
CAP YEA D . 13.98 1.99 -9.41
CAQ YEA D . 14.05 3.07 -8.32
CAR YEA D . 14.34 4.39 -8.62
CAS YEA D . 14.42 5.36 -7.62
CAT YEA D . 14.18 5.00 -6.29
CAU YEA D . 13.87 3.67 -5.98
CAV YEA D . 13.81 2.73 -7.00
CAW YEA D . 13.60 3.23 -4.54
CAZ YEA D . 13.52 1.29 -2.84
CBA YEA D . 18.83 3.76 -16.58
FBB YEA D . 17.97 2.70 -16.68
FBC YEA D . 19.22 4.20 -17.82
FBD YEA D . 18.21 4.81 -15.99
FBF YEA D . 14.73 6.65 -7.95
NAA YEA D . 21.32 3.39 -16.33
NAB YEA D . 22.20 3.00 -15.41
NAN YEA D . 14.97 2.21 -10.48
NAX YEA D . 13.77 1.83 -4.18
OAY YEA D . 13.23 4.05 -3.76
OBE YEA D . 16.72 1.72 -8.96
#